data_4PL3
#
_entry.id   4PL3
#
_cell.length_a   246.080
_cell.length_b   90.500
_cell.length_c   72.130
_cell.angle_alpha   90.00
_cell.angle_beta   91.88
_cell.angle_gamma   90.00
#
_symmetry.space_group_name_H-M   'C 1 2 1'
#
loop_
_entity.id
_entity.type
_entity.pdbx_description
1 polymer 'Serine/threonine-protein kinase/endoribonuclease IRE1'
2 non-polymer 7-hydroxy-6-methoxy-3-[2-(2-methoxyethoxy)ethyl]-4,8-dimethyl-2H-chromen-2-one
3 non-polymer "ADENOSINE-5'-DIPHOSPHATE"
4 non-polymer 'MAGNESIUM ION'
#
_entity_poly.entity_id   1
_entity_poly.type   'polypeptide(L)'
_entity_poly.pdbx_seq_one_letter_code
;GAMDPEFPSLEQDDEDEETRMVIVGKISFCPKDVLGHGAEGTIVYKGMFDNRDVAVKRILPECFSFADREVQLLRESDEH
PNVIRYFCTEKDRQFQYIAIELCAATLQEYVEQKDFAHLGLEPITLLHQTTSGLAHLHSLNIVHRDLKPHNILLSMPNAH
GRIKAMISDFGLCKKLAVGRHSFSRRSGVPGTEGWIAPEMLSEDCKDNPTYTVDIFSAGCVFYYVISEGYHPFGKSLQRQ
ANILLGACNLDCFHSDKHEDVIARELIEKMIAMDPQQRPSAKHVLKHPFFWSLEKQLQFFQDVSDRIEKEALDGPIVRQL
ERGGRAVVKMDWRENITVPLQTDLRKFRTYKGGSVRDLLRAMRNKKHHYRELPVEVQETLGSIPDDFVRYFTSRFPHLLS
HTYQAMELCRHERLFQTYYWHEPTEPQPPVIPYAL
;
_entity_poly.pdbx_strand_id   A,B
#
# COMPACT_ATOMS: atom_id res chain seq x y z
N GLU A 18 -25.88 6.22 39.83
CA GLU A 18 -25.70 4.82 39.45
C GLU A 18 -24.84 4.68 38.18
N THR A 19 -25.50 4.71 37.03
CA THR A 19 -24.83 4.78 35.73
C THR A 19 -25.38 6.02 34.99
N ARG A 20 -25.82 7.00 35.77
CA ARG A 20 -26.49 8.20 35.23
C ARG A 20 -25.49 9.13 34.55
N MET A 21 -25.96 9.80 33.50
CA MET A 21 -25.12 10.68 32.71
C MET A 21 -24.52 11.83 33.52
N VAL A 22 -23.37 12.31 33.08
CA VAL A 22 -22.68 13.43 33.74
C VAL A 22 -22.78 14.66 32.87
N ILE A 23 -23.24 15.79 33.40
CA ILE A 23 -23.35 16.93 32.52
C ILE A 23 -22.16 17.89 32.64
N VAL A 24 -22.23 18.85 33.55
CA VAL A 24 -21.20 19.90 33.54
C VAL A 24 -21.20 20.59 32.20
N GLY A 25 -22.39 20.96 31.72
CA GLY A 25 -22.59 21.37 30.33
C GLY A 25 -21.81 22.64 30.06
N LYS A 26 -21.41 22.93 28.81
CA LYS A 26 -21.81 22.21 27.60
C LYS A 26 -21.47 20.72 27.48
N ILE A 27 -20.36 20.30 28.09
CA ILE A 27 -19.89 18.92 27.95
C ILE A 27 -20.86 17.98 28.60
N SER A 28 -21.01 16.78 28.07
CA SER A 28 -21.86 15.77 28.70
C SER A 28 -21.31 14.42 28.30
N PHE A 29 -21.44 13.41 29.15
CA PHE A 29 -21.05 12.08 28.75
C PHE A 29 -21.63 11.05 29.69
N CYS A 30 -22.01 9.88 29.17
CA CYS A 30 -22.44 8.80 30.05
C CYS A 30 -21.14 8.13 30.48
N PRO A 31 -20.94 8.01 31.80
CA PRO A 31 -19.70 7.54 32.46
C PRO A 31 -19.29 6.09 32.16
N LYS A 32 -20.14 5.35 31.47
CA LYS A 32 -19.86 3.98 31.13
C LYS A 32 -19.12 3.97 29.81
N ASP A 33 -19.22 5.07 29.05
CA ASP A 33 -18.55 5.19 27.75
C ASP A 33 -17.07 5.58 27.90
N VAL A 34 -16.30 4.78 28.64
CA VAL A 34 -14.88 5.08 28.79
C VAL A 34 -14.11 4.62 27.57
N LEU A 35 -13.21 5.48 27.10
CA LEU A 35 -12.39 5.18 25.93
C LEU A 35 -11.04 4.68 26.36
N GLY A 36 -10.54 5.18 27.49
CA GLY A 36 -9.32 4.62 28.05
C GLY A 36 -8.70 5.52 29.08
N HIS A 37 -7.87 4.93 29.94
CA HIS A 37 -7.25 5.65 31.03
C HIS A 37 -5.98 6.35 30.57
N GLY A 38 -5.76 7.53 31.11
CA GLY A 38 -4.50 8.23 30.96
C GLY A 38 -3.62 7.96 32.15
N ALA A 39 -2.63 8.82 32.34
CA ALA A 39 -1.68 8.61 33.39
C ALA A 39 -2.33 8.74 34.77
N GLU A 40 -2.21 9.91 35.38
CA GLU A 40 -2.34 10.02 36.83
C GLU A 40 -3.79 10.12 37.24
N GLY A 41 -4.48 9.00 37.13
CA GLY A 41 -5.90 8.97 37.41
C GLY A 41 -6.72 9.67 36.33
N THR A 42 -6.12 10.01 35.21
CA THR A 42 -6.87 10.59 34.10
C THR A 42 -7.69 9.53 33.43
N ILE A 43 -8.87 9.92 32.97
CA ILE A 43 -9.73 9.03 32.20
C ILE A 43 -10.32 9.78 31.01
N VAL A 44 -10.60 9.03 29.95
CA VAL A 44 -11.20 9.58 28.73
C VAL A 44 -12.40 8.79 28.28
N TYR A 45 -13.53 9.50 28.19
CA TYR A 45 -14.81 8.92 27.84
C TYR A 45 -15.25 9.44 26.49
N LYS A 46 -16.28 8.80 25.94
CA LYS A 46 -16.97 9.29 24.77
C LYS A 46 -18.18 10.06 25.22
N GLY A 47 -18.30 11.27 24.72
CA GLY A 47 -19.32 12.19 25.16
C GLY A 47 -20.11 12.86 24.04
N MET A 48 -20.43 14.13 24.28
CA MET A 48 -21.31 14.91 23.42
C MET A 48 -20.97 16.40 23.56
N PHE A 49 -21.30 17.20 22.56
CA PHE A 49 -21.07 18.64 22.69
C PHE A 49 -22.25 19.51 22.25
N ASP A 50 -22.11 20.26 21.16
CA ASP A 50 -23.25 21.00 20.66
C ASP A 50 -24.33 19.97 20.46
N ASN A 51 -24.11 19.12 19.49
CA ASN A 51 -24.77 17.84 19.43
C ASN A 51 -23.88 16.85 18.77
N ARG A 52 -22.70 17.30 18.35
CA ARG A 52 -21.74 16.42 17.70
C ARG A 52 -21.07 15.63 18.80
N ASP A 53 -20.71 14.39 18.47
CA ASP A 53 -19.88 13.59 19.34
C ASP A 53 -18.51 14.24 19.60
N VAL A 54 -17.99 14.05 20.80
CA VAL A 54 -16.61 14.40 21.13
C VAL A 54 -16.08 13.31 22.08
N ALA A 55 -14.81 13.41 22.48
CA ALA A 55 -14.28 12.58 23.57
C ALA A 55 -13.95 13.53 24.69
N VAL A 56 -14.38 13.25 25.92
CA VAL A 56 -14.09 14.17 27.03
C VAL A 56 -13.09 13.52 27.96
N LYS A 57 -12.07 14.25 28.38
CA LYS A 57 -11.06 13.65 29.20
C LYS A 57 -11.12 14.37 30.53
N ARG A 58 -11.21 13.64 31.66
CA ARG A 58 -11.30 14.31 32.95
C ARG A 58 -10.03 14.11 33.74
N ILE A 59 -9.30 15.22 33.85
CA ILE A 59 -8.04 15.32 34.60
C ILE A 59 -8.15 15.94 36.03
N LEU A 60 -7.59 15.24 37.00
CA LEU A 60 -7.54 15.75 38.36
C LEU A 60 -6.76 17.04 38.34
N PRO A 61 -7.40 18.15 38.71
CA PRO A 61 -6.63 19.40 38.71
C PRO A 61 -5.42 19.32 39.63
N GLU A 62 -5.38 18.28 40.45
CA GLU A 62 -4.31 18.04 41.40
C GLU A 62 -3.11 17.34 40.75
N CYS A 63 -3.31 16.77 39.56
CA CYS A 63 -2.27 16.02 38.87
C CYS A 63 -1.75 16.72 37.62
N PHE A 64 -2.64 17.18 36.74
CA PHE A 64 -2.23 17.86 35.50
C PHE A 64 -2.64 19.32 35.40
N SER A 65 -1.78 20.10 34.76
CA SER A 65 -1.97 21.55 34.68
C SER A 65 -2.21 21.99 33.26
N PHE A 66 -3.40 22.53 33.02
CA PHE A 66 -3.78 22.99 31.70
C PHE A 66 -3.15 24.35 31.43
N ALA A 67 -2.77 24.57 30.17
CA ALA A 67 -2.15 25.84 29.73
C ALA A 67 -3.09 26.59 28.79
N ASP A 68 -4.07 27.26 29.36
CA ASP A 68 -5.16 27.85 28.58
C ASP A 68 -4.71 28.91 27.57
N ARG A 69 -3.63 29.62 27.87
CA ARG A 69 -3.18 30.71 27.01
C ARG A 69 -2.67 30.21 25.65
N GLU A 70 -1.92 29.12 25.68
CA GLU A 70 -1.41 28.47 24.46
C GLU A 70 -2.57 28.13 23.47
N VAL A 71 -3.64 27.52 23.99
CA VAL A 71 -4.79 27.17 23.17
C VAL A 71 -5.58 28.39 22.63
N GLN A 72 -5.83 29.36 23.51
CA GLN A 72 -6.40 30.66 23.09
C GLN A 72 -5.54 31.25 21.98
N LEU A 73 -4.25 30.92 22.00
CA LEU A 73 -3.32 31.30 20.92
C LEU A 73 -3.45 30.45 19.64
N LEU A 74 -3.76 29.17 19.81
CA LEU A 74 -3.96 28.27 18.66
C LEU A 74 -5.23 28.61 17.88
N ARG A 75 -6.25 29.06 18.59
CA ARG A 75 -7.55 29.38 17.99
C ARG A 75 -7.46 30.63 17.14
N GLU A 76 -6.79 31.65 17.67
CA GLU A 76 -6.69 32.94 16.99
C GLU A 76 -5.60 32.95 15.92
N SER A 77 -5.05 31.77 15.63
CA SER A 77 -4.14 31.61 14.50
C SER A 77 -4.63 30.43 13.67
N ASP A 78 -4.44 30.51 12.36
CA ASP A 78 -5.11 29.56 11.47
C ASP A 78 -5.08 28.11 11.99
N GLU A 79 -6.14 27.35 11.67
CA GLU A 79 -6.21 25.94 12.01
C GLU A 79 -5.28 25.10 11.17
N HIS A 80 -4.53 24.21 11.81
CA HIS A 80 -3.73 23.23 11.08
C HIS A 80 -4.47 21.90 11.13
N PRO A 81 -4.55 21.22 9.98
CA PRO A 81 -5.38 20.01 9.86
C PRO A 81 -4.76 18.79 10.54
N ASN A 82 -3.64 19.00 11.22
CA ASN A 82 -2.90 17.91 11.80
C ASN A 82 -2.64 18.17 13.27
N VAL A 83 -3.22 19.26 13.77
CA VAL A 83 -3.19 19.55 15.19
C VAL A 83 -4.61 19.60 15.70
N ILE A 84 -4.91 18.67 16.60
CA ILE A 84 -6.26 18.43 17.02
C ILE A 84 -6.90 19.64 17.63
N ARG A 85 -8.22 19.63 17.60
CA ARG A 85 -9.00 20.73 18.10
C ARG A 85 -9.50 20.39 19.51
N TYR A 86 -9.24 21.31 20.46
CA TYR A 86 -9.90 21.33 21.76
C TYR A 86 -11.10 22.23 21.64
N PHE A 87 -12.28 21.65 21.79
CA PHE A 87 -13.52 22.36 21.56
C PHE A 87 -13.89 23.33 22.69
N CYS A 88 -13.98 22.82 23.93
CA CYS A 88 -14.21 23.67 25.08
C CYS A 88 -13.62 22.99 26.29
N THR A 89 -13.64 23.66 27.42
CA THR A 89 -13.27 22.98 28.65
C THR A 89 -14.08 23.53 29.80
N GLU A 90 -14.44 22.67 30.75
CA GLU A 90 -15.25 23.11 31.87
C GLU A 90 -14.89 22.40 33.15
N LYS A 91 -15.12 23.10 34.26
CA LYS A 91 -14.62 22.68 35.56
C LYS A 91 -15.76 22.27 36.48
N ASP A 92 -15.63 21.10 37.10
CA ASP A 92 -16.51 20.75 38.20
C ASP A 92 -15.62 20.78 39.46
N ARG A 93 -16.21 20.64 40.66
CA ARG A 93 -15.54 20.98 41.93
C ARG A 93 -14.20 20.29 42.22
N GLN A 94 -13.84 19.31 41.40
CA GLN A 94 -12.77 18.37 41.75
C GLN A 94 -12.05 17.85 40.52
N PHE A 95 -12.49 18.29 39.35
CA PHE A 95 -12.04 17.71 38.09
C PHE A 95 -11.96 18.80 37.06
N GLN A 96 -11.19 18.52 36.02
CA GLN A 96 -11.11 19.38 34.86
C GLN A 96 -11.53 18.53 33.68
N TYR A 97 -12.47 19.03 32.89
CA TYR A 97 -12.99 18.29 31.76
C TYR A 97 -12.65 18.98 30.47
N ILE A 98 -12.05 18.23 29.54
CA ILE A 98 -11.71 18.74 28.21
C ILE A 98 -12.39 17.96 27.08
N ALA A 99 -12.99 18.67 26.14
CA ALA A 99 -13.68 18.04 25.02
C ALA A 99 -12.82 18.19 23.80
N ILE A 100 -12.57 17.11 23.08
CA ILE A 100 -11.65 17.19 21.96
C ILE A 100 -12.19 16.35 20.81
N GLU A 101 -11.69 16.64 19.60
CA GLU A 101 -12.13 15.95 18.40
C GLU A 101 -12.07 14.44 18.62
N LEU A 102 -13.19 13.76 18.41
CA LEU A 102 -13.25 12.33 18.70
C LEU A 102 -12.59 11.53 17.59
N CYS A 103 -11.55 10.80 17.97
CA CYS A 103 -10.77 10.02 17.03
C CYS A 103 -10.96 8.52 17.15
N ALA A 104 -10.34 7.81 16.22
CA ALA A 104 -10.59 6.40 16.04
C ALA A 104 -9.50 5.55 16.71
N ALA A 105 -8.26 6.00 16.68
CA ALA A 105 -7.20 5.24 17.32
C ALA A 105 -5.90 6.05 17.48
N THR A 106 -4.90 5.43 18.10
CA THR A 106 -3.60 6.05 18.29
C THR A 106 -2.61 5.33 17.44
N LEU A 107 -1.49 5.96 17.15
CA LEU A 107 -0.46 5.32 16.34
C LEU A 107 -0.39 3.88 16.73
N GLN A 108 -0.46 3.61 18.03
CA GLN A 108 -0.22 2.27 18.52
C GLN A 108 -0.95 1.25 17.67
N GLU A 109 -2.25 1.40 17.51
CA GLU A 109 -3.01 0.45 16.72
C GLU A 109 -2.56 0.45 15.25
N TYR A 110 -2.36 1.63 14.69
CA TYR A 110 -1.96 1.75 13.30
C TYR A 110 -0.82 0.77 13.03
N VAL A 111 0.26 0.91 13.80
CA VAL A 111 1.47 0.09 13.63
C VAL A 111 1.27 -1.35 14.03
N GLU A 112 0.74 -1.52 15.23
CA GLU A 112 0.81 -2.79 15.93
C GLU A 112 -0.45 -3.65 15.79
N GLN A 113 -1.53 -3.14 15.21
CA GLN A 113 -2.75 -3.96 15.11
C GLN A 113 -2.82 -4.69 13.78
N LYS A 114 -2.39 -5.94 13.83
CA LYS A 114 -2.26 -6.82 12.66
C LYS A 114 -3.25 -6.48 11.55
N ASP A 115 -4.48 -6.17 11.93
CA ASP A 115 -5.55 -5.93 10.96
C ASP A 115 -6.26 -4.62 11.30
N PHE A 116 -5.59 -3.51 11.00
CA PHE A 116 -6.09 -2.21 11.40
C PHE A 116 -6.72 -1.40 10.27
N ALA A 117 -6.44 -1.79 9.03
CA ALA A 117 -7.02 -1.07 7.90
C ALA A 117 -6.47 0.34 7.86
N HIS A 118 -5.22 0.45 7.41
CA HIS A 118 -4.52 1.72 7.27
C HIS A 118 -5.31 2.70 6.42
N LEU A 119 -6.20 2.13 5.61
CA LEU A 119 -6.97 2.90 4.66
C LEU A 119 -6.03 3.57 3.66
N GLY A 120 -6.33 4.83 3.34
CA GLY A 120 -5.49 5.56 2.43
C GLY A 120 -4.06 5.58 2.92
N LEU A 121 -3.84 6.19 4.08
CA LEU A 121 -2.53 6.79 4.33
C LEU A 121 -1.43 5.83 4.73
N GLU A 122 -0.28 6.12 4.13
CA GLU A 122 0.92 5.32 4.26
C GLU A 122 1.81 5.96 5.28
N PRO A 123 2.70 5.16 5.83
CA PRO A 123 3.52 5.64 6.93
C PRO A 123 4.22 6.93 6.60
N ILE A 124 4.75 7.12 5.41
CA ILE A 124 5.61 8.31 5.23
C ILE A 124 4.77 9.60 5.19
N THR A 125 3.60 9.53 4.58
CA THR A 125 2.75 10.72 4.52
C THR A 125 2.36 11.02 5.97
N LEU A 126 1.91 9.98 6.68
CA LEU A 126 1.54 10.05 8.09
C LEU A 126 2.57 10.89 8.86
N LEU A 127 3.83 10.44 8.84
CA LEU A 127 4.93 11.15 9.47
C LEU A 127 5.09 12.55 8.89
N HIS A 128 4.76 12.73 7.62
CA HIS A 128 4.84 14.06 7.08
C HIS A 128 3.79 14.93 7.75
N GLN A 129 2.66 14.33 8.12
CA GLN A 129 1.56 15.07 8.73
C GLN A 129 1.88 15.40 10.18
N THR A 130 2.30 14.40 10.91
CA THR A 130 2.76 14.62 12.25
C THR A 130 3.79 15.71 12.33
N THR A 131 4.77 15.64 11.45
CA THR A 131 5.88 16.56 11.53
C THR A 131 5.41 17.95 11.12
N SER A 132 4.50 17.99 10.15
CA SER A 132 3.98 19.30 9.76
C SER A 132 3.22 19.96 10.92
N GLY A 133 2.31 19.23 11.54
CA GLY A 133 1.57 19.76 12.67
C GLY A 133 2.49 20.25 13.80
N LEU A 134 3.40 19.38 14.19
CA LEU A 134 4.42 19.73 15.18
C LEU A 134 5.18 21.00 14.78
N ALA A 135 5.46 21.14 13.49
CA ALA A 135 6.19 22.30 13.03
C ALA A 135 5.36 23.54 13.27
N HIS A 136 4.05 23.39 13.08
CA HIS A 136 3.13 24.48 13.32
C HIS A 136 3.09 24.90 14.78
N LEU A 137 3.13 23.92 15.66
CA LEU A 137 3.12 24.20 17.09
C LEU A 137 4.35 24.98 17.48
N HIS A 138 5.48 24.52 16.97
CA HIS A 138 6.77 25.16 17.24
C HIS A 138 6.76 26.56 16.64
N SER A 139 6.00 26.74 15.56
CA SER A 139 5.87 28.06 14.94
C SER A 139 5.24 29.08 15.89
N LEU A 140 4.57 28.57 16.92
CA LEU A 140 3.94 29.43 17.91
C LEU A 140 4.64 29.28 19.27
N ASN A 141 5.92 28.90 19.24
CA ASN A 141 6.74 28.81 20.44
C ASN A 141 6.13 27.90 21.51
N ILE A 142 5.52 26.81 21.06
CA ILE A 142 4.90 25.84 21.95
C ILE A 142 5.61 24.50 21.86
N VAL A 143 5.97 23.90 22.98
CA VAL A 143 6.57 22.57 22.91
C VAL A 143 5.66 21.53 23.54
N HIS A 144 5.49 20.43 22.83
CA HIS A 144 4.56 19.39 23.21
C HIS A 144 4.98 18.68 24.48
N ARG A 145 6.24 18.25 24.50
CA ARG A 145 6.87 17.64 25.67
C ARG A 145 6.44 16.19 25.95
N ASP A 146 5.58 15.59 25.12
CA ASP A 146 5.09 14.22 25.36
C ASP A 146 4.50 13.51 24.10
N LEU A 147 5.33 13.38 23.08
CA LEU A 147 4.94 12.71 21.87
C LEU A 147 5.16 11.26 22.05
N LYS A 148 4.31 10.48 21.42
CA LYS A 148 4.42 9.06 21.52
C LYS A 148 3.26 8.48 20.76
N PRO A 149 3.38 7.23 20.39
CA PRO A 149 2.25 6.61 19.69
C PRO A 149 0.86 6.95 20.24
N HIS A 150 0.71 7.11 21.55
CA HIS A 150 -0.60 7.30 22.17
C HIS A 150 -1.07 8.74 22.10
N ASN A 151 -0.19 9.67 21.78
CA ASN A 151 -0.60 11.05 21.66
C ASN A 151 -0.68 11.48 20.23
N ILE A 152 -0.62 10.52 19.33
CA ILE A 152 -0.74 10.78 17.90
C ILE A 152 -1.86 9.97 17.35
N LEU A 153 -2.91 10.65 16.94
CA LEU A 153 -4.19 10.00 16.72
C LEU A 153 -4.65 10.00 15.26
N LEU A 154 -5.49 9.02 14.93
CA LEU A 154 -6.04 8.86 13.60
C LEU A 154 -7.51 9.28 13.57
N SER A 155 -7.84 10.19 12.67
CA SER A 155 -9.23 10.63 12.56
C SER A 155 -10.15 9.49 12.19
N MET A 156 -11.43 9.71 12.37
CA MET A 156 -12.39 8.80 11.78
C MET A 156 -12.49 9.19 10.33
N PRO A 157 -13.08 8.32 9.54
CA PRO A 157 -13.12 8.56 8.11
C PRO A 157 -14.17 9.62 7.83
N ASN A 158 -13.88 10.55 6.93
CA ASN A 158 -14.89 11.52 6.53
C ASN A 158 -15.82 10.98 5.45
N ALA A 159 -16.67 11.86 4.91
CA ALA A 159 -17.61 11.46 3.87
C ALA A 159 -16.81 10.85 2.73
N HIS A 160 -15.80 11.59 2.27
CA HIS A 160 -14.93 11.14 1.19
C HIS A 160 -14.05 9.95 1.58
N GLY A 161 -14.07 9.60 2.86
CA GLY A 161 -13.42 8.39 3.34
C GLY A 161 -11.96 8.56 3.70
N ARG A 162 -11.40 9.73 3.45
CA ARG A 162 -9.98 9.95 3.73
C ARG A 162 -9.67 10.21 5.22
N ILE A 163 -8.67 9.50 5.71
CA ILE A 163 -8.27 9.49 7.09
C ILE A 163 -6.99 10.27 7.26
N LYS A 164 -6.82 10.92 8.40
CA LYS A 164 -5.61 11.69 8.66
C LYS A 164 -5.16 11.46 10.08
N ALA A 165 -4.13 12.22 10.47
CA ALA A 165 -3.48 12.07 11.76
C ALA A 165 -3.22 13.44 12.37
N MET A 166 -3.46 13.53 13.68
CA MET A 166 -3.35 14.78 14.45
C MET A 166 -2.69 14.52 15.80
N ILE A 167 -1.78 15.38 16.25
CA ILE A 167 -1.14 15.20 17.57
C ILE A 167 -2.01 15.80 18.69
N SER A 168 -1.94 15.25 19.91
CA SER A 168 -2.88 15.65 20.97
C SER A 168 -2.24 15.82 22.33
N ASP A 169 -3.05 15.96 23.36
CA ASP A 169 -2.50 16.08 24.71
C ASP A 169 -1.31 17.07 24.75
N PHE A 170 -1.38 18.17 23.99
CA PHE A 170 -0.36 19.25 24.09
C PHE A 170 -0.89 20.38 24.97
N GLY A 171 -0.01 21.23 25.49
CA GLY A 171 -0.44 22.32 26.36
C GLY A 171 -1.06 21.82 27.65
N LEU A 172 -1.02 20.51 27.82
CA LEU A 172 -1.54 19.86 29.01
C LEU A 172 -0.36 19.32 29.80
N CYS A 173 0.21 20.18 30.66
CA CYS A 173 1.46 19.89 31.38
C CYS A 173 1.24 19.13 32.68
N LYS A 174 2.27 19.11 33.52
CA LYS A 174 2.26 18.33 34.74
C LYS A 174 2.71 19.19 35.93
N LYS A 175 2.22 18.85 37.12
CA LYS A 175 2.67 19.48 38.34
C LYS A 175 3.24 18.43 39.28
N LEU A 176 4.25 18.82 40.06
CA LEU A 176 4.92 17.92 40.99
C LEU A 176 5.04 16.52 40.40
N VAL A 189 8.05 15.18 36.40
CA VAL A 189 8.68 15.42 35.09
C VAL A 189 7.83 14.91 33.92
N PRO A 190 7.63 15.76 32.90
CA PRO A 190 6.81 15.44 31.71
C PRO A 190 7.26 14.18 30.99
N GLY A 191 6.56 13.83 29.91
CA GLY A 191 7.01 12.76 29.06
C GLY A 191 6.89 11.38 29.67
N THR A 192 7.07 10.36 28.84
CA THR A 192 6.81 8.98 29.21
C THR A 192 8.02 8.06 29.06
N GLU A 193 8.35 7.32 30.12
CA GLU A 193 9.52 6.45 30.08
C GLU A 193 9.64 5.78 28.71
N GLY A 194 10.75 6.06 28.03
CA GLY A 194 10.97 5.52 26.72
C GLY A 194 11.08 6.58 25.65
N TRP A 195 10.38 7.70 25.81
CA TRP A 195 10.29 8.72 24.77
C TRP A 195 10.87 10.06 25.23
N ILE A 196 11.54 10.05 26.37
CA ILE A 196 12.02 11.28 26.96
C ILE A 196 13.44 11.62 26.50
N ALA A 197 13.56 12.71 25.74
CA ALA A 197 14.87 13.21 25.36
C ALA A 197 15.71 13.11 26.60
N PRO A 198 17.00 12.81 26.44
CA PRO A 198 17.89 12.46 27.54
C PRO A 198 18.18 13.68 28.33
N GLU A 199 18.41 14.80 27.64
CA GLU A 199 18.90 15.99 28.32
C GLU A 199 17.89 16.50 29.35
N MET A 200 16.74 15.83 29.45
CA MET A 200 15.75 16.13 30.48
C MET A 200 15.89 15.22 31.68
N LEU A 201 17.13 14.83 31.99
CA LEU A 201 17.40 13.97 33.16
C LEU A 201 18.84 14.08 33.68
N ASP A 207 14.05 24.51 34.59
CA ASP A 207 14.41 24.72 33.18
C ASP A 207 13.16 24.86 32.29
N ASN A 208 13.34 25.41 31.09
CA ASN A 208 12.27 25.51 30.07
C ASN A 208 12.70 24.82 28.78
N PRO A 209 11.99 23.73 28.42
CA PRO A 209 12.40 22.88 27.29
C PRO A 209 12.44 23.62 25.96
N THR A 210 12.81 22.94 24.88
CA THR A 210 12.87 23.59 23.59
C THR A 210 12.55 22.61 22.48
N TYR A 211 12.22 23.12 21.30
CA TYR A 211 11.72 22.24 20.25
C TYR A 211 12.58 20.98 20.07
N THR A 212 13.82 21.05 20.50
CA THR A 212 14.77 19.96 20.37
C THR A 212 14.27 18.66 20.99
N VAL A 213 13.62 18.80 22.13
CA VAL A 213 13.04 17.68 22.84
C VAL A 213 12.02 16.95 21.98
N ASP A 214 11.04 17.71 21.52
CA ASP A 214 10.00 17.13 20.73
C ASP A 214 10.54 16.48 19.49
N ILE A 215 11.66 16.99 19.00
CA ILE A 215 12.26 16.44 17.80
C ILE A 215 12.98 15.15 18.08
N PHE A 216 13.43 14.98 19.29
CA PHE A 216 13.88 13.66 19.72
C PHE A 216 12.73 12.65 19.71
N SER A 217 11.65 12.98 20.42
CA SER A 217 10.52 12.07 20.51
C SER A 217 10.05 11.71 19.11
N ALA A 218 9.92 12.72 18.29
CA ALA A 218 9.60 12.52 16.89
C ALA A 218 10.49 11.44 16.32
N GLY A 219 11.81 11.64 16.35
CA GLY A 219 12.72 10.63 15.79
C GLY A 219 12.37 9.19 16.18
N CYS A 220 12.12 9.00 17.46
CA CYS A 220 11.73 7.69 17.95
C CYS A 220 10.47 7.23 17.24
N VAL A 221 9.43 8.05 17.26
CA VAL A 221 8.19 7.59 16.64
C VAL A 221 8.42 7.23 15.18
N PHE A 222 9.30 7.98 14.50
CA PHE A 222 9.59 7.79 13.09
C PHE A 222 10.02 6.34 12.93
N TYR A 223 11.06 5.98 13.67
CA TYR A 223 11.64 4.65 13.56
C TYR A 223 10.69 3.57 14.02
N TYR A 224 9.78 3.96 14.91
CA TYR A 224 8.79 3.06 15.46
C TYR A 224 7.80 2.66 14.37
N VAL A 225 7.44 3.65 13.56
CA VAL A 225 6.49 3.49 12.48
C VAL A 225 7.13 2.66 11.35
N ILE A 226 8.32 3.06 10.94
CA ILE A 226 8.96 2.44 9.79
C ILE A 226 9.25 0.97 10.03
N SER A 227 9.93 0.65 11.13
CA SER A 227 10.28 -0.74 11.40
C SER A 227 9.06 -1.58 11.72
N GLU A 228 7.92 -0.93 11.88
CA GLU A 228 6.68 -1.63 12.20
C GLU A 228 6.73 -2.16 13.61
N GLY A 229 7.07 -1.29 14.56
CA GLY A 229 6.90 -1.60 15.96
C GLY A 229 8.13 -1.51 16.85
N TYR A 230 9.30 -1.60 16.23
CA TYR A 230 10.54 -1.59 16.98
C TYR A 230 10.91 -0.20 17.50
N HIS A 231 11.46 -0.14 18.70
CA HIS A 231 11.95 1.13 19.23
C HIS A 231 13.45 1.13 19.06
N PRO A 232 14.02 2.30 18.74
CA PRO A 232 15.47 2.42 18.57
C PRO A 232 16.30 2.19 19.82
N PHE A 233 15.69 2.06 21.01
CA PHE A 233 16.41 2.14 22.29
C PHE A 233 16.31 1.01 23.36
N GLY A 234 15.65 -0.13 23.18
CA GLY A 234 14.73 -0.40 22.11
C GLY A 234 13.71 -1.41 22.65
N LYS A 235 13.61 -1.49 23.97
CA LYS A 235 12.62 -2.34 24.60
C LYS A 235 12.16 -1.74 25.93
N SER A 236 10.90 -1.91 26.26
CA SER A 236 10.26 -1.19 27.36
C SER A 236 11.19 -0.90 28.52
N LEU A 237 11.76 -1.95 29.09
CA LEU A 237 12.44 -1.82 30.37
C LEU A 237 13.80 -1.14 30.25
N GLN A 238 14.53 -1.44 29.19
CA GLN A 238 15.84 -0.85 29.00
C GLN A 238 15.77 0.51 28.32
N ARG A 239 14.59 0.87 27.81
CA ARG A 239 14.47 2.03 26.92
C ARG A 239 15.13 3.28 27.49
N GLN A 240 14.65 3.75 28.63
CA GLN A 240 15.12 5.04 29.15
C GLN A 240 16.59 4.98 29.55
N ALA A 241 16.99 3.89 30.19
CA ALA A 241 18.37 3.68 30.54
C ALA A 241 19.26 3.81 29.30
N ASN A 242 18.87 3.09 28.24
CA ASN A 242 19.60 3.10 26.98
C ASN A 242 19.52 4.44 26.28
N ILE A 243 18.49 5.23 26.60
CA ILE A 243 18.41 6.58 26.05
C ILE A 243 19.46 7.43 26.72
N LEU A 244 19.69 7.18 28.01
CA LEU A 244 20.69 7.93 28.75
C LEU A 244 22.08 7.55 28.30
N LEU A 245 22.30 6.27 28.03
CA LEU A 245 23.62 5.77 27.62
C LEU A 245 23.94 6.16 26.18
N GLY A 246 22.93 6.18 25.33
CA GLY A 246 23.11 6.61 23.96
C GLY A 246 23.13 5.43 23.02
N ALA A 247 22.64 4.30 23.49
CA ALA A 247 22.57 3.09 22.67
C ALA A 247 21.40 3.17 21.72
N CYS A 248 21.65 2.90 20.44
CA CYS A 248 20.60 2.84 19.43
C CYS A 248 20.58 1.43 18.90
N ASN A 249 19.67 1.13 18.00
CA ASN A 249 19.77 -0.11 17.28
C ASN A 249 19.75 0.21 15.83
N LEU A 250 18.58 0.63 15.35
CA LEU A 250 18.37 0.89 13.93
C LEU A 250 18.64 -0.37 13.09
N ASP A 251 18.55 -1.55 13.72
CA ASP A 251 18.94 -2.80 13.05
C ASP A 251 18.15 -3.09 11.77
N CYS A 252 17.04 -2.38 11.54
CA CYS A 252 16.16 -2.64 10.38
C CYS A 252 16.67 -1.99 9.13
N PHE A 253 17.39 -0.88 9.32
CA PHE A 253 18.01 -0.12 8.22
C PHE A 253 19.32 -0.73 7.74
N HIS A 254 19.26 -1.41 6.60
CA HIS A 254 20.42 -1.97 5.94
C HIS A 254 21.11 -0.93 5.13
N SER A 255 22.31 -1.22 4.69
CA SER A 255 23.11 -0.23 4.03
C SER A 255 23.03 -0.35 2.54
N ASP A 256 22.30 -1.34 2.06
CA ASP A 256 22.20 -1.55 0.63
C ASP A 256 20.88 -1.07 0.04
N LYS A 257 19.98 -0.55 0.86
CA LYS A 257 18.68 -0.09 0.38
C LYS A 257 18.59 1.40 0.44
N HIS A 258 18.17 1.99 -0.67
CA HIS A 258 18.07 3.45 -0.81
C HIS A 258 17.26 4.16 0.27
N GLU A 259 16.12 3.58 0.61
CA GLU A 259 15.20 4.22 1.51
C GLU A 259 15.68 4.05 2.93
N ASP A 260 16.24 2.87 3.21
CA ASP A 260 16.82 2.61 4.51
C ASP A 260 17.92 3.61 4.79
N VAL A 261 18.71 3.92 3.78
CA VAL A 261 19.79 4.84 3.97
C VAL A 261 19.22 6.22 4.22
N ILE A 262 18.37 6.72 3.34
CA ILE A 262 17.85 8.08 3.49
C ILE A 262 17.11 8.29 4.79
N ALA A 263 16.53 7.22 5.31
CA ALA A 263 15.75 7.32 6.53
C ALA A 263 16.68 7.39 7.69
N ARG A 264 17.63 6.45 7.75
CA ARG A 264 18.59 6.39 8.84
C ARG A 264 19.35 7.69 8.98
N GLU A 265 19.68 8.26 7.84
CA GLU A 265 20.47 9.49 7.81
C GLU A 265 19.74 10.58 8.58
N LEU A 266 18.43 10.43 8.72
CA LEU A 266 17.60 11.45 9.33
C LEU A 266 17.34 11.11 10.77
N ILE A 267 16.72 9.96 10.99
CA ILE A 267 16.41 9.48 12.33
C ILE A 267 17.64 9.56 13.25
N GLU A 268 18.75 8.98 12.81
CA GLU A 268 20.00 9.01 13.57
C GLU A 268 20.34 10.42 14.06
N LYS A 269 19.84 11.41 13.34
CA LYS A 269 20.16 12.80 13.56
C LYS A 269 19.12 13.50 14.40
N MET A 270 17.89 12.97 14.34
CA MET A 270 16.81 13.44 15.20
C MET A 270 16.99 12.91 16.61
N ILE A 271 17.42 11.65 16.74
CA ILE A 271 17.54 11.03 18.05
C ILE A 271 18.93 11.29 18.67
N ALA A 272 19.62 12.27 18.11
CA ALA A 272 20.99 12.57 18.49
C ALA A 272 21.07 12.96 19.96
N MET A 273 22.18 12.62 20.60
CA MET A 273 22.31 12.89 22.01
C MET A 273 22.43 14.38 22.22
N ASP A 274 23.12 15.07 21.31
CA ASP A 274 23.27 16.51 21.43
C ASP A 274 22.04 17.25 20.90
N PRO A 275 21.29 17.96 21.76
CA PRO A 275 20.05 18.63 21.35
C PRO A 275 20.28 19.67 20.26
N GLN A 276 21.44 20.31 20.26
CA GLN A 276 21.73 21.34 19.26
C GLN A 276 22.14 20.75 17.91
N GLN A 277 22.18 19.42 17.82
CA GLN A 277 22.41 18.73 16.55
C GLN A 277 21.09 18.30 15.92
N ARG A 278 20.05 18.12 16.74
CA ARG A 278 18.73 17.76 16.23
C ARG A 278 18.19 18.80 15.27
N PRO A 279 17.74 18.37 14.09
CA PRO A 279 17.26 19.26 13.04
C PRO A 279 16.00 20.01 13.45
N SER A 280 15.91 21.29 13.07
CA SER A 280 14.71 22.10 13.27
C SER A 280 13.44 21.34 12.85
N ALA A 281 12.30 21.97 13.02
CA ALA A 281 11.04 21.34 12.68
C ALA A 281 10.84 21.33 11.16
N LYS A 282 10.98 22.48 10.52
CA LYS A 282 10.72 22.57 9.10
C LYS A 282 11.82 21.84 8.37
N HIS A 283 13.00 21.92 8.96
CA HIS A 283 14.16 21.31 8.39
C HIS A 283 13.86 19.87 8.10
N VAL A 284 13.26 19.20 9.07
CA VAL A 284 12.94 17.79 8.91
C VAL A 284 11.96 17.61 7.74
N LEU A 285 11.20 18.65 7.45
CA LEU A 285 10.18 18.61 6.40
C LEU A 285 10.74 18.75 4.98
N LYS A 286 11.81 19.51 4.81
CA LYS A 286 12.46 19.54 3.48
C LYS A 286 13.14 18.21 3.10
N HIS A 287 13.45 17.38 4.09
CA HIS A 287 14.38 16.26 3.92
C HIS A 287 14.01 15.33 2.79
N PRO A 288 15.01 14.69 2.20
CA PRO A 288 14.90 13.72 1.10
C PRO A 288 13.93 12.59 1.37
N PHE A 289 13.61 12.41 2.64
CA PHE A 289 12.96 11.22 3.12
C PHE A 289 11.57 11.23 2.58
N PHE A 290 10.98 12.44 2.53
CA PHE A 290 9.59 12.63 2.13
C PHE A 290 9.42 12.82 0.65
N TRP A 291 10.52 12.89 -0.09
CA TRP A 291 10.42 13.32 -1.48
C TRP A 291 9.75 12.30 -2.38
N SER A 292 8.88 12.79 -3.25
CA SER A 292 8.26 11.95 -4.26
C SER A 292 9.36 11.30 -5.08
N LEU A 293 9.01 10.29 -5.85
CA LEU A 293 9.97 9.77 -6.79
C LEU A 293 10.21 10.88 -7.77
N GLU A 294 9.16 11.55 -8.21
CA GLU A 294 9.39 12.60 -9.17
C GLU A 294 10.38 13.61 -8.58
N LYS A 295 10.16 14.01 -7.33
CA LYS A 295 10.98 15.04 -6.74
C LYS A 295 12.42 14.59 -6.71
N GLN A 296 12.63 13.32 -6.38
CA GLN A 296 13.97 12.78 -6.33
C GLN A 296 14.68 12.98 -7.68
N LEU A 297 14.15 12.33 -8.71
CA LEU A 297 14.78 12.33 -10.01
C LEU A 297 15.00 13.74 -10.44
N GLN A 298 14.05 14.60 -10.11
CA GLN A 298 14.10 15.99 -10.56
C GLN A 298 15.31 16.69 -9.95
N PHE A 299 15.59 16.34 -8.69
CA PHE A 299 16.79 16.78 -7.99
C PHE A 299 18.05 16.29 -8.71
N PHE A 300 18.16 14.97 -8.86
CA PHE A 300 19.29 14.37 -9.55
C PHE A 300 19.66 15.24 -10.75
N GLN A 301 18.68 15.50 -11.62
CA GLN A 301 18.94 16.31 -12.81
C GLN A 301 19.48 17.66 -12.40
N ASP A 302 18.62 18.46 -11.76
CA ASP A 302 18.91 19.87 -11.46
C ASP A 302 20.33 20.11 -10.96
N VAL A 303 20.87 19.11 -10.27
CA VAL A 303 22.27 19.12 -9.86
C VAL A 303 23.14 19.19 -11.10
N SER A 304 23.02 18.19 -11.96
CA SER A 304 23.90 18.04 -13.12
C SER A 304 24.05 19.30 -13.93
N ASP A 305 22.98 20.07 -14.05
CA ASP A 305 22.98 21.25 -14.86
C ASP A 305 23.83 22.37 -14.26
N ARG A 306 24.22 22.20 -13.01
CA ARG A 306 25.13 23.16 -12.39
C ARG A 306 26.54 22.75 -12.66
N ILE A 307 26.80 21.46 -12.53
CA ILE A 307 28.17 20.93 -12.57
C ILE A 307 28.92 21.11 -13.92
N GLU A 308 28.19 21.05 -15.04
CA GLU A 308 28.77 21.41 -16.32
C GLU A 308 29.24 22.84 -16.15
N LYS A 309 30.39 23.18 -16.72
CA LYS A 309 30.96 24.51 -16.52
C LYS A 309 31.30 24.73 -15.04
N GLU A 310 31.92 23.71 -14.44
CA GLU A 310 32.47 23.82 -13.09
C GLU A 310 33.74 22.99 -13.01
N ALA A 311 34.83 23.61 -12.55
CA ALA A 311 36.12 22.96 -12.56
C ALA A 311 36.12 21.74 -11.66
N LEU A 312 36.70 20.63 -12.10
CA LEU A 312 36.79 19.45 -11.25
C LEU A 312 37.73 19.65 -10.03
N ASP A 313 38.74 20.49 -10.19
CA ASP A 313 39.59 20.87 -9.05
C ASP A 313 38.70 21.62 -8.09
N GLY A 314 37.65 22.19 -8.65
CA GLY A 314 36.69 23.01 -7.92
C GLY A 314 36.18 22.40 -6.64
N PRO A 315 35.73 23.24 -5.73
CA PRO A 315 35.32 22.74 -4.42
C PRO A 315 34.05 21.90 -4.52
N ILE A 316 33.17 22.26 -5.45
CA ILE A 316 31.86 21.62 -5.53
C ILE A 316 31.98 20.18 -6.03
N VAL A 317 32.66 20.01 -7.15
CA VAL A 317 32.80 18.69 -7.75
C VAL A 317 33.73 17.82 -6.90
N ARG A 318 34.68 18.46 -6.24
CA ARG A 318 35.64 17.72 -5.44
C ARG A 318 34.87 17.20 -4.26
N GLN A 319 33.92 17.99 -3.80
CA GLN A 319 33.06 17.58 -2.69
C GLN A 319 32.19 16.39 -3.09
N LEU A 320 31.58 16.51 -4.28
CA LEU A 320 30.65 15.52 -4.80
C LEU A 320 31.33 14.18 -5.05
N GLU A 321 32.66 14.22 -5.16
CA GLU A 321 33.46 13.04 -5.47
C GLU A 321 34.26 12.58 -4.28
N ARG A 322 34.03 13.16 -3.10
CA ARG A 322 34.79 12.77 -1.93
C ARG A 322 34.53 11.31 -1.61
N GLY A 323 33.28 10.95 -1.37
CA GLY A 323 32.95 9.56 -1.11
C GLY A 323 33.25 8.68 -2.30
N GLY A 324 32.97 9.22 -3.48
CA GLY A 324 33.37 8.60 -4.73
C GLY A 324 33.11 7.12 -4.93
N ARG A 325 34.21 6.37 -4.95
CA ARG A 325 34.21 4.98 -5.40
C ARG A 325 33.14 4.15 -4.73
N ALA A 326 33.05 4.25 -3.41
CA ALA A 326 32.13 3.42 -2.62
C ALA A 326 30.72 3.52 -3.16
N VAL A 327 30.32 4.75 -3.47
CA VAL A 327 28.97 5.08 -3.95
C VAL A 327 28.74 4.50 -5.32
N VAL A 328 29.73 4.69 -6.16
CA VAL A 328 29.65 4.30 -7.54
C VAL A 328 30.07 2.84 -7.72
N LYS A 329 30.41 2.17 -6.61
CA LYS A 329 30.88 0.80 -6.69
C LYS A 329 32.07 0.66 -7.65
N MET A 330 33.13 1.42 -7.38
CA MET A 330 34.36 1.38 -8.18
C MET A 330 34.12 1.97 -9.58
N ASP A 331 33.32 1.26 -10.39
CA ASP A 331 32.93 1.67 -11.74
C ASP A 331 31.44 1.41 -11.90
N TRP A 332 30.63 2.47 -12.07
CA TRP A 332 29.18 2.26 -12.11
C TRP A 332 28.75 1.57 -13.37
N ARG A 333 29.63 1.61 -14.36
CA ARG A 333 29.31 0.99 -15.62
C ARG A 333 29.23 -0.52 -15.45
N GLU A 334 29.87 -1.02 -14.41
CA GLU A 334 29.94 -2.46 -14.24
C GLU A 334 28.78 -2.99 -13.41
N ASN A 335 27.91 -2.11 -12.96
CA ASN A 335 26.80 -2.54 -12.11
C ASN A 335 25.45 -2.07 -12.61
N ILE A 336 25.38 -1.70 -13.90
CA ILE A 336 24.10 -1.39 -14.55
C ILE A 336 23.84 -2.41 -15.64
N THR A 337 22.79 -2.20 -16.41
CA THR A 337 22.38 -3.18 -17.41
C THR A 337 23.23 -3.08 -18.66
N VAL A 338 23.29 -4.19 -19.38
CA VAL A 338 24.17 -4.31 -20.52
C VAL A 338 23.71 -3.40 -21.66
N PRO A 339 22.39 -3.37 -21.93
CA PRO A 339 21.84 -2.41 -22.90
C PRO A 339 22.19 -0.96 -22.58
N LEU A 340 22.11 -0.60 -21.29
CA LEU A 340 22.39 0.76 -20.92
C LEU A 340 23.87 1.09 -21.05
N GLN A 341 24.75 0.14 -20.74
CA GLN A 341 26.17 0.42 -20.95
C GLN A 341 26.52 0.42 -22.45
N THR A 342 25.76 -0.27 -23.29
CA THR A 342 26.03 -0.25 -24.72
C THR A 342 25.72 1.13 -25.26
N ASP A 343 24.50 1.60 -25.01
CA ASP A 343 24.07 2.89 -25.55
C ASP A 343 24.89 4.03 -24.97
N LEU A 344 25.29 3.90 -23.71
CA LEU A 344 26.17 4.89 -23.16
C LEU A 344 27.48 4.80 -23.92
N ARG A 345 27.92 3.58 -24.19
CA ARG A 345 29.22 3.33 -24.80
C ARG A 345 29.31 4.13 -26.09
N LYS A 346 28.22 4.09 -26.85
CA LYS A 346 28.10 4.81 -28.11
C LYS A 346 28.36 6.31 -27.98
N PHE A 347 28.64 6.80 -26.78
CA PHE A 347 28.91 8.22 -26.61
C PHE A 347 30.13 8.52 -25.73
N ARG A 348 30.67 7.49 -25.08
CA ARG A 348 31.82 7.65 -24.18
C ARG A 348 31.60 8.85 -23.27
N THR A 349 32.70 9.52 -22.90
CA THR A 349 32.61 10.73 -22.09
C THR A 349 31.84 10.43 -20.81
N TYR A 350 31.90 9.17 -20.37
CA TYR A 350 31.35 8.74 -19.09
C TYR A 350 32.40 7.96 -18.33
N LYS A 351 32.94 8.57 -17.27
CA LYS A 351 34.14 8.05 -16.61
C LYS A 351 33.91 6.75 -15.86
N GLY A 352 32.90 6.69 -15.01
CA GLY A 352 32.51 5.41 -14.46
C GLY A 352 32.98 5.18 -13.04
N GLY A 353 34.11 5.77 -12.66
CA GLY A 353 34.49 5.85 -11.27
C GLY A 353 34.03 7.19 -10.73
N SER A 354 33.49 8.01 -11.63
CA SER A 354 33.12 9.37 -11.32
C SER A 354 31.64 9.51 -11.10
N VAL A 355 31.30 10.21 -10.02
CA VAL A 355 29.93 10.41 -9.65
C VAL A 355 29.30 11.39 -10.59
N ARG A 356 30.00 12.45 -10.92
CA ARG A 356 29.38 13.43 -11.78
C ARG A 356 29.00 12.82 -13.10
N ASP A 357 29.86 11.96 -13.63
CA ASP A 357 29.56 11.38 -14.90
C ASP A 357 28.37 10.44 -14.79
N LEU A 358 28.16 9.87 -13.63
CA LEU A 358 26.97 9.06 -13.44
C LEU A 358 25.74 9.96 -13.38
N LEU A 359 25.90 11.17 -12.84
CA LEU A 359 24.81 12.15 -12.79
C LEU A 359 24.39 12.71 -14.17
N ARG A 360 25.33 13.16 -14.99
CA ARG A 360 24.92 13.62 -16.30
C ARG A 360 24.44 12.45 -17.09
N ALA A 361 25.11 11.30 -16.97
CA ALA A 361 24.64 10.10 -17.69
C ALA A 361 23.16 9.92 -17.50
N MET A 362 22.70 9.99 -16.25
CA MET A 362 21.27 9.99 -16.02
C MET A 362 20.55 11.14 -16.75
N ARG A 363 20.94 12.39 -16.47
CA ARG A 363 20.28 13.56 -17.06
C ARG A 363 20.11 13.48 -18.55
N ASN A 364 20.99 12.75 -19.20
CA ASN A 364 20.93 12.62 -20.62
C ASN A 364 20.05 11.44 -20.97
N LYS A 365 20.44 10.24 -20.58
CA LYS A 365 19.59 9.11 -20.87
C LYS A 365 18.16 9.50 -20.60
N LYS A 366 17.95 10.52 -19.77
CA LYS A 366 16.59 10.92 -19.43
C LYS A 366 16.04 11.95 -20.37
N HIS A 367 16.79 13.01 -20.58
CA HIS A 367 16.32 14.10 -21.42
C HIS A 367 16.08 13.68 -22.87
N HIS A 368 17.00 12.92 -23.44
CA HIS A 368 16.81 12.40 -24.79
C HIS A 368 15.91 11.16 -24.76
N TYR A 369 15.18 10.96 -23.67
CA TYR A 369 14.44 9.71 -23.50
C TYR A 369 13.61 9.34 -24.74
N ARG A 370 12.83 10.26 -25.27
CA ARG A 370 11.92 9.90 -26.35
C ARG A 370 12.66 9.31 -27.57
N GLU A 371 13.89 9.76 -27.81
CA GLU A 371 14.64 9.38 -29.01
C GLU A 371 15.50 8.15 -28.76
N LEU A 372 15.20 7.41 -27.68
CA LEU A 372 16.04 6.29 -27.27
C LEU A 372 15.69 5.04 -28.07
N PRO A 373 16.62 4.08 -28.14
CA PRO A 373 16.27 2.72 -28.56
C PRO A 373 15.22 2.16 -27.61
N VAL A 374 14.51 1.12 -27.99
CA VAL A 374 13.41 0.59 -27.18
C VAL A 374 13.85 -0.32 -26.04
N GLU A 375 14.75 -1.25 -26.38
CA GLU A 375 15.37 -2.12 -25.38
C GLU A 375 15.85 -1.29 -24.18
N VAL A 376 16.63 -0.26 -24.51
CA VAL A 376 17.19 0.66 -23.54
C VAL A 376 16.10 1.45 -22.83
N GLN A 377 15.03 1.76 -23.56
CA GLN A 377 13.86 2.42 -22.98
C GLN A 377 13.20 1.53 -21.96
N GLU A 378 13.36 0.22 -22.11
CA GLU A 378 12.68 -0.70 -21.21
C GLU A 378 13.51 -1.46 -20.14
N THR A 379 14.83 -1.37 -20.11
CA THR A 379 15.51 -1.77 -18.85
C THR A 379 15.37 -0.66 -17.82
N LEU A 380 15.01 0.53 -18.27
CA LEU A 380 14.53 1.55 -17.35
C LEU A 380 13.09 1.81 -17.72
N GLY A 381 12.52 2.91 -17.26
CA GLY A 381 11.24 3.36 -17.78
C GLY A 381 10.01 2.78 -17.08
N SER A 382 8.96 3.60 -16.99
CA SER A 382 8.97 4.89 -17.65
C SER A 382 9.47 5.96 -16.70
N ILE A 383 8.77 7.09 -16.69
CA ILE A 383 9.23 8.27 -16.00
C ILE A 383 8.15 8.90 -15.16
N PRO A 384 8.53 9.51 -14.03
CA PRO A 384 9.88 9.43 -13.46
C PRO A 384 10.12 8.20 -12.62
N ASP A 385 9.07 7.55 -12.15
CA ASP A 385 9.24 6.61 -11.04
C ASP A 385 10.18 5.42 -11.34
N ASP A 386 9.94 4.73 -12.44
CA ASP A 386 10.71 3.54 -12.78
C ASP A 386 12.15 3.85 -13.17
N PHE A 387 12.32 4.94 -13.92
CA PHE A 387 13.63 5.46 -14.29
C PHE A 387 14.50 5.72 -13.03
N VAL A 388 14.01 6.51 -12.09
CA VAL A 388 14.83 6.83 -10.92
C VAL A 388 15.13 5.54 -10.14
N ARG A 389 14.10 4.72 -9.92
CA ARG A 389 14.24 3.53 -9.09
C ARG A 389 15.29 2.56 -9.59
N TYR A 390 15.41 2.49 -10.91
CA TYR A 390 16.48 1.77 -11.54
C TYR A 390 17.81 2.11 -10.85
N PHE A 391 18.15 3.40 -10.86
CA PHE A 391 19.44 3.91 -10.38
C PHE A 391 19.65 3.87 -8.87
N THR A 392 18.63 4.24 -8.09
CA THR A 392 18.75 4.22 -6.64
C THR A 392 18.75 2.79 -6.13
N SER A 393 18.03 1.93 -6.82
CA SER A 393 18.06 0.50 -6.54
C SER A 393 19.50 0.01 -6.65
N ARG A 394 20.18 0.40 -7.72
CA ARG A 394 21.58 0.02 -7.86
C ARG A 394 22.58 0.84 -7.03
N PHE A 395 22.24 2.09 -6.73
CA PHE A 395 23.15 2.99 -6.00
C PHE A 395 22.51 3.59 -4.74
N PRO A 396 22.33 2.77 -3.71
CA PRO A 396 21.65 3.13 -2.46
C PRO A 396 22.23 4.39 -1.85
N HIS A 397 23.55 4.53 -1.96
CA HIS A 397 24.21 5.67 -1.35
C HIS A 397 24.21 6.85 -2.29
N LEU A 398 23.72 6.66 -3.50
CA LEU A 398 23.72 7.76 -4.44
C LEU A 398 22.93 8.93 -3.87
N LEU A 399 21.61 8.80 -3.77
CA LEU A 399 20.82 9.98 -3.41
C LEU A 399 21.30 10.67 -2.13
N SER A 400 21.41 9.90 -1.05
CA SER A 400 21.83 10.48 0.19
C SER A 400 23.10 11.28 -0.04
N HIS A 401 24.09 10.63 -0.61
CA HIS A 401 25.38 11.25 -0.80
C HIS A 401 25.31 12.55 -1.57
N THR A 402 24.40 12.58 -2.54
CA THR A 402 24.35 13.69 -3.46
C THR A 402 23.71 14.89 -2.80
N TYR A 403 22.74 14.62 -1.94
CA TYR A 403 22.07 15.68 -1.20
C TYR A 403 23.05 16.28 -0.24
N GLN A 404 23.77 15.41 0.46
CA GLN A 404 24.72 15.86 1.48
C GLN A 404 25.83 16.67 0.83
N ALA A 405 26.22 16.27 -0.37
CA ALA A 405 27.31 16.96 -1.07
C ALA A 405 26.85 18.34 -1.53
N MET A 406 25.65 18.40 -2.10
CA MET A 406 25.18 19.60 -2.77
C MET A 406 24.54 20.67 -1.85
N GLU A 407 25.03 20.82 -0.61
CA GLU A 407 24.85 22.08 0.10
C GLU A 407 25.87 22.96 -0.59
N LEU A 408 26.26 24.06 0.03
CA LEU A 408 27.07 25.05 -0.67
C LEU A 408 26.17 25.79 -1.65
N CYS A 409 25.09 25.13 -2.06
CA CYS A 409 24.10 25.74 -2.91
C CYS A 409 22.83 25.89 -2.07
N ARG A 410 23.00 26.21 -0.79
CA ARG A 410 21.88 26.38 0.12
C ARG A 410 20.97 27.48 -0.40
N HIS A 411 21.54 28.44 -1.13
CA HIS A 411 20.76 29.52 -1.75
C HIS A 411 20.58 29.29 -3.25
N GLU A 412 21.42 29.94 -4.04
CA GLU A 412 21.41 29.82 -5.50
C GLU A 412 20.11 30.38 -6.10
N ARG A 413 19.16 30.69 -5.22
CA ARG A 413 17.83 31.14 -5.62
C ARG A 413 16.99 29.96 -6.07
N LEU A 414 17.64 28.85 -6.39
CA LEU A 414 16.97 27.78 -7.09
C LEU A 414 16.79 26.57 -6.21
N PHE A 415 17.76 26.31 -5.34
CA PHE A 415 17.74 25.07 -4.57
C PHE A 415 16.87 25.17 -3.33
N GLN A 416 16.29 26.33 -3.12
CA GLN A 416 15.43 26.55 -1.95
C GLN A 416 14.31 25.52 -1.85
N THR A 417 14.19 24.63 -2.83
CA THR A 417 13.10 23.67 -2.81
C THR A 417 13.54 22.38 -2.15
N TYR A 418 14.84 22.15 -2.18
CA TYR A 418 15.42 20.94 -1.62
C TYR A 418 16.09 21.22 -0.27
N TYR A 419 16.58 22.45 -0.10
CA TYR A 419 17.30 22.85 1.09
C TYR A 419 16.56 23.98 1.80
N TRP A 420 16.99 24.37 2.99
CA TRP A 420 16.42 25.54 3.63
C TRP A 420 17.52 26.59 3.80
N HIS A 421 17.22 27.82 3.39
CA HIS A 421 18.21 28.88 3.45
C HIS A 421 17.76 29.85 4.52
N GLU A 422 18.40 29.76 5.68
CA GLU A 422 18.12 30.67 6.79
C GLU A 422 18.86 30.21 8.02
N ARG B 20 -33.93 21.75 -15.37
CA ARG B 20 -35.12 21.44 -16.17
C ARG B 20 -35.60 19.99 -15.92
N MET B 21 -36.07 19.71 -14.71
CA MET B 21 -36.25 18.34 -14.16
C MET B 21 -37.23 17.43 -14.92
N VAL B 22 -36.98 16.12 -14.83
CA VAL B 22 -37.75 15.09 -15.52
C VAL B 22 -38.21 14.01 -14.57
N ILE B 23 -39.50 13.66 -14.56
CA ILE B 23 -39.99 12.70 -13.55
C ILE B 23 -40.16 11.27 -14.05
N VAL B 24 -41.34 10.84 -14.45
CA VAL B 24 -41.51 9.41 -14.75
C VAL B 24 -41.38 8.54 -13.51
N GLY B 25 -42.00 8.97 -12.40
CA GLY B 25 -41.77 8.38 -11.08
C GLY B 25 -42.08 6.90 -11.06
N LYS B 26 -41.62 6.13 -10.06
CA LYS B 26 -40.87 6.62 -8.88
C LYS B 26 -39.47 7.15 -9.13
N ILE B 27 -38.94 6.90 -10.32
CA ILE B 27 -37.64 7.40 -10.71
C ILE B 27 -37.78 8.85 -11.16
N SER B 28 -36.79 9.69 -10.88
CA SER B 28 -36.82 11.07 -11.31
C SER B 28 -35.39 11.54 -11.42
N PHE B 29 -35.04 12.29 -12.45
CA PHE B 29 -33.66 12.77 -12.58
C PHE B 29 -33.60 14.13 -13.27
N CYS B 30 -32.56 14.90 -12.99
CA CYS B 30 -32.32 16.07 -13.81
C CYS B 30 -31.62 15.59 -15.10
N PRO B 31 -32.10 16.06 -16.28
CA PRO B 31 -31.49 15.63 -17.53
C PRO B 31 -30.07 16.14 -17.64
N LYS B 32 -29.77 17.19 -16.89
CA LYS B 32 -28.45 17.78 -16.93
C LYS B 32 -27.40 16.95 -16.18
N ASP B 33 -27.79 16.38 -15.04
CA ASP B 33 -26.87 15.60 -14.23
C ASP B 33 -26.47 14.34 -14.99
N VAL B 34 -25.66 14.47 -16.03
CA VAL B 34 -25.25 13.31 -16.81
C VAL B 34 -23.94 12.72 -16.28
N LEU B 35 -23.91 11.40 -16.13
CA LEU B 35 -22.73 10.68 -15.65
C LEU B 35 -21.93 10.00 -16.76
N GLY B 36 -22.44 10.01 -17.98
CA GLY B 36 -21.65 9.50 -19.09
C GLY B 36 -22.48 8.70 -20.05
N HIS B 37 -22.04 8.68 -21.32
CA HIS B 37 -22.79 8.03 -22.38
C HIS B 37 -22.33 6.61 -22.41
N GLY B 38 -23.27 5.69 -22.56
CA GLY B 38 -22.93 4.30 -22.70
C GLY B 38 -22.90 3.93 -24.16
N ALA B 39 -23.35 2.73 -24.47
CA ALA B 39 -23.31 2.26 -25.84
C ALA B 39 -24.60 2.65 -26.59
N GLU B 40 -24.57 2.53 -27.91
CA GLU B 40 -25.76 2.62 -28.76
C GLU B 40 -26.82 3.60 -28.26
N GLY B 41 -26.37 4.84 -28.06
CA GLY B 41 -27.27 5.94 -27.73
C GLY B 41 -27.61 6.07 -26.25
N THR B 42 -27.24 5.09 -25.43
CA THR B 42 -27.51 5.14 -24.00
C THR B 42 -26.92 6.39 -23.35
N ILE B 43 -27.62 6.92 -22.35
CA ILE B 43 -27.11 7.99 -21.51
C ILE B 43 -27.43 7.65 -20.08
N VAL B 44 -26.52 7.95 -19.17
CA VAL B 44 -26.72 7.65 -17.74
C VAL B 44 -26.69 8.90 -16.84
N TYR B 45 -27.80 9.20 -16.17
CA TYR B 45 -27.86 10.37 -15.28
C TYR B 45 -27.77 10.06 -13.76
N LYS B 46 -27.54 11.10 -12.94
CA LYS B 46 -27.77 10.99 -11.51
C LYS B 46 -29.17 11.48 -11.13
N GLY B 47 -29.94 10.57 -10.56
CA GLY B 47 -31.30 10.88 -10.21
C GLY B 47 -31.53 10.57 -8.75
N MET B 48 -32.80 10.29 -8.44
CA MET B 48 -33.25 10.03 -7.09
C MET B 48 -34.30 8.91 -7.14
N PHE B 49 -34.41 8.10 -6.09
CA PHE B 49 -35.40 7.02 -6.07
C PHE B 49 -36.39 7.15 -4.92
N ASP B 50 -36.18 6.44 -3.81
CA ASP B 50 -37.08 6.68 -2.67
C ASP B 50 -36.91 8.15 -2.32
N ASN B 51 -35.94 8.46 -1.47
CA ASN B 51 -35.43 9.83 -1.38
C ASN B 51 -33.91 9.80 -1.33
N ARG B 52 -33.36 8.62 -1.62
CA ARG B 52 -31.92 8.38 -1.69
C ARG B 52 -31.44 8.71 -3.08
N ASP B 53 -30.20 9.16 -3.24
CA ASP B 53 -29.61 9.33 -4.56
C ASP B 53 -29.45 7.98 -5.28
N VAL B 54 -29.64 7.97 -6.60
CA VAL B 54 -29.34 6.79 -7.43
C VAL B 54 -28.77 7.21 -8.75
N ALA B 55 -28.40 6.23 -9.54
CA ALA B 55 -28.00 6.48 -10.91
C ALA B 55 -29.11 5.89 -11.70
N VAL B 56 -29.55 6.57 -12.74
CA VAL B 56 -30.49 5.97 -13.67
C VAL B 56 -29.89 6.01 -15.07
N LYS B 57 -30.17 5.00 -15.88
CA LYS B 57 -29.70 5.04 -17.24
C LYS B 57 -30.89 4.91 -18.15
N ARG B 58 -30.96 5.70 -19.22
CA ARG B 58 -32.05 5.50 -20.15
C ARG B 58 -31.55 4.90 -21.44
N ILE B 59 -32.15 3.77 -21.75
CA ILE B 59 -31.81 3.04 -22.95
C ILE B 59 -32.95 3.19 -23.96
N LEU B 60 -32.59 3.11 -25.23
CA LEU B 60 -33.57 2.90 -26.27
C LEU B 60 -34.03 1.45 -26.25
N PRO B 61 -35.34 1.23 -26.02
CA PRO B 61 -35.79 -0.16 -25.95
C PRO B 61 -35.45 -0.86 -27.26
N GLU B 62 -35.26 -0.07 -28.32
CA GLU B 62 -35.05 -0.57 -29.65
C GLU B 62 -33.61 -1.09 -29.85
N CYS B 63 -32.67 -0.67 -28.99
CA CYS B 63 -31.25 -0.98 -29.14
C CYS B 63 -30.73 -2.01 -28.14
N PHE B 64 -31.26 -2.01 -26.93
CA PHE B 64 -30.86 -2.98 -25.90
C PHE B 64 -32.11 -3.69 -25.44
N SER B 65 -31.95 -4.88 -24.87
CA SER B 65 -33.09 -5.65 -24.39
C SER B 65 -32.87 -5.99 -22.93
N PHE B 66 -33.65 -5.37 -22.05
CA PHE B 66 -33.60 -5.70 -20.65
C PHE B 66 -34.11 -7.13 -20.48
N ALA B 67 -33.65 -7.80 -19.42
CA ALA B 67 -34.09 -9.15 -19.10
C ALA B 67 -34.65 -9.14 -17.68
N ASP B 68 -35.94 -8.84 -17.56
CA ASP B 68 -36.58 -8.66 -16.25
C ASP B 68 -36.64 -9.98 -15.44
N ARG B 69 -36.66 -11.11 -16.15
CA ARG B 69 -36.66 -12.41 -15.49
C ARG B 69 -35.38 -12.70 -14.67
N GLU B 70 -34.22 -12.51 -15.32
CA GLU B 70 -32.93 -12.67 -14.65
C GLU B 70 -32.81 -11.87 -13.35
N VAL B 71 -33.14 -10.57 -13.43
CA VAL B 71 -33.04 -9.68 -12.29
C VAL B 71 -33.95 -10.07 -11.13
N GLN B 72 -35.21 -10.37 -11.45
CA GLN B 72 -36.15 -10.87 -10.45
C GLN B 72 -35.49 -12.03 -9.74
N LEU B 73 -34.90 -12.94 -10.52
CA LEU B 73 -34.24 -14.14 -9.96
C LEU B 73 -33.14 -13.79 -8.95
N LEU B 74 -32.29 -12.86 -9.34
CA LEU B 74 -31.22 -12.40 -8.47
C LEU B 74 -31.81 -11.80 -7.20
N ARG B 75 -32.97 -11.16 -7.36
CA ARG B 75 -33.61 -10.41 -6.29
C ARG B 75 -34.31 -11.35 -5.32
N GLU B 76 -34.76 -12.49 -5.85
CA GLU B 76 -35.35 -13.55 -5.03
C GLU B 76 -34.23 -14.28 -4.26
N SER B 77 -32.99 -13.91 -4.54
CA SER B 77 -31.86 -14.59 -3.95
C SER B 77 -31.06 -13.66 -3.05
N ASP B 78 -30.28 -14.26 -2.14
CA ASP B 78 -29.52 -13.50 -1.16
C ASP B 78 -28.66 -12.48 -1.88
N GLU B 79 -28.65 -11.25 -1.40
CA GLU B 79 -27.82 -10.21 -1.99
C GLU B 79 -26.42 -10.70 -2.10
N HIS B 80 -25.70 -10.22 -3.11
CA HIS B 80 -24.24 -10.38 -3.14
C HIS B 80 -23.60 -8.99 -3.15
N PRO B 81 -22.56 -8.81 -2.32
CA PRO B 81 -22.05 -7.45 -2.07
C PRO B 81 -21.27 -6.96 -3.24
N ASN B 82 -20.98 -7.82 -4.20
CA ASN B 82 -20.13 -7.47 -5.33
C ASN B 82 -20.89 -7.52 -6.65
N VAL B 83 -22.21 -7.69 -6.53
CA VAL B 83 -23.11 -7.62 -7.66
C VAL B 83 -24.15 -6.54 -7.42
N ILE B 84 -24.18 -5.56 -8.31
CA ILE B 84 -24.88 -4.31 -8.09
C ILE B 84 -26.37 -4.53 -8.06
N ARG B 85 -27.08 -3.62 -7.40
CA ARG B 85 -28.49 -3.81 -7.19
C ARG B 85 -29.29 -2.96 -8.18
N TYR B 86 -30.33 -3.55 -8.75
CA TYR B 86 -31.34 -2.81 -9.51
C TYR B 86 -32.57 -2.59 -8.64
N PHE B 87 -32.82 -1.34 -8.27
CA PHE B 87 -33.92 -1.00 -7.38
C PHE B 87 -35.28 -1.09 -8.05
N CYS B 88 -35.46 -0.36 -9.14
CA CYS B 88 -36.67 -0.49 -9.92
C CYS B 88 -36.42 -0.12 -11.38
N THR B 89 -37.40 -0.41 -12.23
CA THR B 89 -37.34 -0.08 -13.65
C THR B 89 -38.69 0.37 -14.15
N GLU B 90 -38.68 1.30 -15.11
CA GLU B 90 -39.92 1.87 -15.63
C GLU B 90 -39.78 2.33 -17.08
N LYS B 91 -40.81 2.03 -17.88
CA LYS B 91 -40.82 2.39 -19.29
C LYS B 91 -41.60 3.68 -19.49
N ASP B 92 -41.11 4.59 -20.33
CA ASP B 92 -41.92 5.70 -20.80
C ASP B 92 -42.24 5.40 -22.28
N ARG B 93 -42.90 6.30 -23.01
CA ARG B 93 -43.40 5.95 -24.36
C ARG B 93 -42.29 5.45 -25.31
N GLN B 94 -41.09 5.93 -25.10
CA GLN B 94 -40.04 5.89 -26.11
C GLN B 94 -38.71 5.47 -25.52
N PHE B 95 -38.67 5.27 -24.21
CA PHE B 95 -37.44 4.94 -23.49
C PHE B 95 -37.71 3.92 -22.40
N GLN B 96 -36.62 3.49 -21.79
CA GLN B 96 -36.68 2.62 -20.64
C GLN B 96 -35.72 3.22 -19.64
N TYR B 97 -36.10 3.33 -18.37
CA TYR B 97 -35.20 3.90 -17.36
C TYR B 97 -34.89 2.90 -16.27
N ILE B 98 -33.61 2.82 -15.88
CA ILE B 98 -33.17 1.88 -14.85
C ILE B 98 -32.45 2.53 -13.68
N ALA B 99 -32.84 2.14 -12.47
CA ALA B 99 -32.32 2.74 -11.25
C ALA B 99 -31.43 1.76 -10.50
N ILE B 100 -30.18 2.15 -10.32
CA ILE B 100 -29.19 1.29 -9.69
C ILE B 100 -28.30 2.09 -8.74
N GLU B 101 -27.68 1.40 -7.78
CA GLU B 101 -26.84 2.03 -6.78
C GLU B 101 -25.86 3.01 -7.38
N LEU B 102 -25.78 4.21 -6.81
CA LEU B 102 -24.94 5.25 -7.35
C LEU B 102 -23.53 5.02 -6.88
N CYS B 103 -22.63 4.81 -7.86
CA CYS B 103 -21.25 4.46 -7.58
C CYS B 103 -20.38 5.61 -7.93
N ALA B 104 -19.10 5.51 -7.57
CA ALA B 104 -18.20 6.64 -7.59
C ALA B 104 -17.37 6.71 -8.88
N ALA B 105 -17.00 5.57 -9.45
CA ALA B 105 -16.27 5.55 -10.72
C ALA B 105 -16.08 4.12 -11.16
N THR B 106 -15.42 3.93 -12.30
CA THR B 106 -15.18 2.57 -12.83
C THR B 106 -13.76 2.14 -12.69
N LEU B 107 -13.51 0.86 -12.97
CA LEU B 107 -12.15 0.31 -12.85
C LEU B 107 -11.17 1.14 -13.69
N GLN B 108 -11.65 1.66 -14.82
CA GLN B 108 -10.85 2.53 -15.69
C GLN B 108 -10.12 3.63 -14.90
N GLU B 109 -10.87 4.39 -14.10
CA GLU B 109 -10.29 5.45 -13.30
C GLU B 109 -9.37 4.86 -12.24
N TYR B 110 -9.81 3.75 -11.64
CA TYR B 110 -9.05 3.12 -10.54
C TYR B 110 -7.63 2.80 -10.93
N VAL B 111 -7.49 2.34 -12.17
CA VAL B 111 -6.20 1.95 -12.72
C VAL B 111 -5.46 3.15 -13.28
N GLU B 112 -6.20 4.02 -13.95
CA GLU B 112 -5.56 4.99 -14.84
C GLU B 112 -5.30 6.36 -14.20
N GLN B 113 -5.96 6.65 -13.09
CA GLN B 113 -5.96 8.02 -12.57
C GLN B 113 -4.90 8.25 -11.50
N LYS B 114 -3.78 8.85 -11.91
CA LYS B 114 -2.53 8.91 -11.13
C LYS B 114 -2.77 9.21 -9.64
N ASP B 115 -3.70 10.12 -9.38
CA ASP B 115 -4.13 10.44 -8.03
C ASP B 115 -5.62 10.14 -7.93
N PHE B 116 -5.93 8.89 -7.55
CA PHE B 116 -7.32 8.45 -7.49
C PHE B 116 -7.80 8.18 -6.05
N ALA B 117 -6.89 7.89 -5.13
CA ALA B 117 -7.26 7.53 -3.76
C ALA B 117 -7.92 6.16 -3.79
N HIS B 118 -7.15 5.12 -3.45
CA HIS B 118 -7.50 3.77 -3.84
C HIS B 118 -8.49 2.96 -2.98
N LEU B 119 -8.89 3.42 -1.81
CA LEU B 119 -8.14 4.43 -1.05
C LEU B 119 -6.79 3.84 -0.67
N GLY B 120 -6.81 2.67 -0.03
CA GLY B 120 -8.04 1.98 0.37
C GLY B 120 -7.97 0.48 0.15
N LEU B 121 -8.15 0.01 -1.07
CA LEU B 121 -8.19 -1.43 -1.30
C LEU B 121 -7.26 -1.94 -2.40
N GLU B 122 -6.69 -3.11 -2.11
CA GLU B 122 -5.69 -3.75 -2.93
C GLU B 122 -6.29 -4.43 -4.15
N PRO B 123 -5.54 -4.47 -5.25
CA PRO B 123 -5.95 -5.06 -6.51
C PRO B 123 -6.34 -6.50 -6.42
N ILE B 124 -5.75 -7.25 -5.49
CA ILE B 124 -5.99 -8.68 -5.53
C ILE B 124 -7.35 -8.98 -4.93
N THR B 125 -7.70 -8.29 -3.86
CA THR B 125 -8.96 -8.53 -3.22
C THR B 125 -10.03 -7.94 -4.13
N LEU B 126 -9.66 -6.86 -4.82
CA LEU B 126 -10.53 -6.25 -5.83
C LEU B 126 -10.96 -7.31 -6.86
N LEU B 127 -9.99 -7.93 -7.52
CA LEU B 127 -10.28 -8.98 -8.47
C LEU B 127 -10.96 -10.19 -7.85
N HIS B 128 -10.67 -10.45 -6.57
CA HIS B 128 -11.34 -11.53 -5.84
C HIS B 128 -12.82 -11.16 -5.76
N GLN B 129 -13.10 -9.90 -5.48
CA GLN B 129 -14.46 -9.46 -5.27
C GLN B 129 -15.22 -9.67 -6.59
N THR B 130 -14.65 -9.11 -7.64
CA THR B 130 -15.22 -9.21 -8.97
C THR B 130 -15.46 -10.66 -9.32
N THR B 131 -14.53 -11.53 -8.98
CA THR B 131 -14.67 -12.94 -9.34
C THR B 131 -15.84 -13.62 -8.60
N SER B 132 -15.88 -13.48 -7.28
CA SER B 132 -16.91 -14.10 -6.44
C SER B 132 -18.32 -13.65 -6.80
N GLY B 133 -18.45 -12.38 -7.14
CA GLY B 133 -19.70 -11.91 -7.71
C GLY B 133 -20.00 -12.68 -8.97
N LEU B 134 -19.09 -12.59 -9.93
CA LEU B 134 -19.23 -13.33 -11.17
C LEU B 134 -19.75 -14.73 -10.92
N ALA B 135 -19.13 -15.41 -9.96
CA ALA B 135 -19.43 -16.80 -9.65
C ALA B 135 -20.85 -16.91 -9.14
N HIS B 136 -21.27 -15.86 -8.44
CA HIS B 136 -22.67 -15.71 -8.03
C HIS B 136 -23.54 -15.75 -9.28
N LEU B 137 -23.23 -14.91 -10.25
CA LEU B 137 -23.98 -14.92 -11.51
C LEU B 137 -24.05 -16.32 -12.14
N HIS B 138 -22.92 -17.00 -12.20
CA HIS B 138 -22.84 -18.29 -12.86
C HIS B 138 -23.50 -19.38 -12.06
N SER B 139 -23.67 -19.10 -10.77
CA SER B 139 -24.39 -20.01 -9.89
C SER B 139 -25.84 -20.12 -10.33
N LEU B 140 -26.35 -19.02 -10.88
CA LEU B 140 -27.76 -18.94 -11.29
C LEU B 140 -27.95 -19.21 -12.79
N ASN B 141 -26.88 -19.63 -13.44
CA ASN B 141 -26.90 -19.92 -14.88
C ASN B 141 -27.14 -18.66 -15.70
N ILE B 142 -26.60 -17.55 -15.21
CA ILE B 142 -26.77 -16.27 -15.91
C ILE B 142 -25.40 -15.70 -16.25
N VAL B 143 -25.19 -15.46 -17.55
CA VAL B 143 -23.90 -15.08 -18.09
C VAL B 143 -23.87 -13.61 -18.44
N HIS B 144 -22.75 -12.95 -18.16
CA HIS B 144 -22.65 -11.53 -18.31
C HIS B 144 -22.47 -11.06 -19.76
N ARG B 145 -21.43 -11.56 -20.42
CA ARG B 145 -21.29 -11.37 -21.86
C ARG B 145 -20.67 -10.03 -22.26
N ASP B 146 -20.89 -8.96 -21.49
CA ASP B 146 -20.07 -7.75 -21.69
C ASP B 146 -19.36 -7.20 -20.45
N LEU B 147 -18.37 -7.94 -19.96
CA LEU B 147 -17.62 -7.53 -18.82
C LEU B 147 -16.43 -6.70 -19.30
N LYS B 148 -16.03 -5.70 -18.53
CA LYS B 148 -14.97 -4.79 -18.91
C LYS B 148 -14.82 -3.78 -17.82
N PRO B 149 -13.75 -2.99 -17.82
CA PRO B 149 -13.57 -1.96 -16.81
C PRO B 149 -14.77 -1.00 -16.64
N HIS B 150 -15.32 -0.52 -17.74
CA HIS B 150 -16.44 0.37 -17.64
C HIS B 150 -17.69 -0.30 -17.01
N ASN B 151 -17.68 -1.62 -16.91
CA ASN B 151 -18.83 -2.34 -16.33
C ASN B 151 -18.46 -2.97 -14.98
N ILE B 152 -17.47 -2.37 -14.35
CA ILE B 152 -17.06 -2.71 -13.00
C ILE B 152 -16.84 -1.43 -12.22
N LEU B 153 -17.67 -1.21 -11.20
CA LEU B 153 -17.75 0.08 -10.52
C LEU B 153 -17.24 0.00 -9.08
N LEU B 154 -16.77 1.15 -8.61
CA LEU B 154 -16.30 1.26 -7.24
C LEU B 154 -17.37 2.00 -6.43
N SER B 155 -17.79 1.36 -5.35
CA SER B 155 -18.79 1.91 -4.48
C SER B 155 -18.30 3.23 -3.98
N MET B 156 -19.17 3.98 -3.33
CA MET B 156 -18.73 5.22 -2.76
C MET B 156 -18.23 4.90 -1.37
N PRO B 157 -17.45 5.82 -0.79
CA PRO B 157 -16.95 5.49 0.54
C PRO B 157 -18.15 5.36 1.43
N ASN B 158 -18.16 4.28 2.19
CA ASN B 158 -19.30 3.96 3.00
C ASN B 158 -19.28 4.66 4.35
N ALA B 159 -20.19 4.26 5.23
CA ALA B 159 -20.35 4.87 6.55
C ALA B 159 -19.00 5.18 7.19
N HIS B 160 -18.14 4.18 7.25
CA HIS B 160 -16.81 4.38 7.76
C HIS B 160 -15.77 4.01 6.72
N GLY B 161 -15.87 4.68 5.57
CA GLY B 161 -14.75 4.84 4.64
C GLY B 161 -14.17 3.64 3.90
N ARG B 162 -14.90 2.53 3.81
CA ARG B 162 -14.41 1.38 3.03
C ARG B 162 -15.05 1.34 1.64
N ILE B 163 -14.20 1.21 0.64
CA ILE B 163 -14.61 1.14 -0.75
C ILE B 163 -14.78 -0.29 -1.22
N LYS B 164 -15.62 -0.50 -2.21
CA LYS B 164 -15.88 -1.84 -2.69
C LYS B 164 -16.13 -1.84 -4.19
N ALA B 165 -16.07 -3.01 -4.81
CA ALA B 165 -16.22 -3.11 -6.25
C ALA B 165 -17.32 -4.11 -6.61
N MET B 166 -18.23 -3.69 -7.50
CA MET B 166 -19.36 -4.54 -7.92
C MET B 166 -19.49 -4.54 -9.44
N ILE B 167 -19.95 -5.65 -10.01
CA ILE B 167 -20.13 -5.71 -11.46
C ILE B 167 -21.48 -5.09 -11.81
N SER B 168 -21.65 -4.63 -13.06
CA SER B 168 -22.89 -3.96 -13.48
C SER B 168 -23.29 -4.15 -14.95
N ASP B 169 -24.34 -3.44 -15.37
CA ASP B 169 -24.80 -3.46 -16.75
C ASP B 169 -25.13 -4.86 -17.27
N PHE B 170 -25.26 -5.84 -16.38
CA PHE B 170 -25.68 -7.19 -16.77
C PHE B 170 -27.18 -7.23 -16.89
N GLY B 171 -27.71 -8.32 -17.44
CA GLY B 171 -29.15 -8.49 -17.53
C GLY B 171 -29.74 -7.72 -18.68
N LEU B 172 -28.93 -6.94 -19.36
CA LEU B 172 -29.38 -6.33 -20.59
C LEU B 172 -28.59 -6.97 -21.72
N CYS B 173 -28.87 -6.55 -22.95
CA CYS B 173 -28.23 -7.09 -24.15
C CYS B 173 -28.24 -6.08 -25.31
N LYS B 174 -28.45 -6.55 -26.53
CA LYS B 174 -28.48 -5.69 -27.71
C LYS B 174 -29.38 -6.30 -28.79
N LYS B 175 -30.24 -5.47 -29.39
CA LYS B 175 -31.21 -5.96 -30.37
C LYS B 175 -30.69 -5.91 -31.81
N VAL B 189 -23.61 -7.60 -32.16
CA VAL B 189 -22.92 -8.60 -31.35
C VAL B 189 -22.59 -8.06 -29.95
N PRO B 190 -22.85 -8.87 -28.90
CA PRO B 190 -22.57 -8.43 -27.53
C PRO B 190 -21.07 -8.22 -27.30
N GLY B 191 -20.74 -7.55 -26.21
CA GLY B 191 -19.34 -7.35 -25.84
C GLY B 191 -18.80 -6.07 -26.42
N THR B 192 -17.51 -5.81 -26.22
CA THR B 192 -16.86 -4.60 -26.70
C THR B 192 -15.53 -4.91 -27.34
N GLU B 193 -15.25 -4.30 -28.48
CA GLU B 193 -13.98 -4.52 -29.14
C GLU B 193 -12.90 -4.33 -28.08
N GLY B 194 -12.14 -5.39 -27.87
CA GLY B 194 -11.06 -5.37 -26.91
C GLY B 194 -11.30 -6.44 -25.88
N TRP B 195 -12.57 -6.81 -25.68
CA TRP B 195 -12.88 -7.73 -24.58
C TRP B 195 -13.74 -8.94 -25.00
N ILE B 196 -13.98 -9.13 -26.29
CA ILE B 196 -14.88 -10.20 -26.66
C ILE B 196 -14.08 -11.47 -26.79
N ALA B 197 -14.58 -12.55 -26.21
CA ALA B 197 -13.96 -13.88 -26.38
C ALA B 197 -13.81 -14.19 -27.85
N PRO B 198 -12.81 -15.00 -28.22
CA PRO B 198 -12.54 -15.21 -29.65
C PRO B 198 -13.71 -15.89 -30.36
N GLU B 199 -14.33 -16.88 -29.71
CA GLU B 199 -15.33 -17.73 -30.36
C GLU B 199 -16.68 -17.03 -30.58
N MET B 200 -16.84 -15.82 -30.06
CA MET B 200 -18.10 -15.12 -30.22
C MET B 200 -18.14 -14.36 -31.54
N LEU B 201 -17.02 -14.34 -32.24
CA LEU B 201 -16.94 -13.77 -33.57
C LEU B 201 -17.19 -14.88 -34.62
N SER B 202 -16.28 -15.86 -34.68
CA SER B 202 -16.44 -17.05 -35.54
C SER B 202 -16.79 -16.71 -37.01
N PRO B 209 -24.15 -18.60 -25.52
CA PRO B 209 -22.80 -18.62 -24.98
C PRO B 209 -22.77 -19.25 -23.59
N THR B 210 -21.59 -19.31 -22.99
CA THR B 210 -21.45 -19.93 -21.68
C THR B 210 -20.48 -19.17 -20.84
N TYR B 211 -20.35 -19.61 -19.58
CA TYR B 211 -19.61 -18.85 -18.60
C TYR B 211 -18.21 -18.56 -19.09
N THR B 212 -17.70 -19.46 -19.92
CA THR B 212 -16.32 -19.38 -20.41
C THR B 212 -16.00 -17.98 -20.97
N VAL B 213 -16.98 -17.35 -21.60
CA VAL B 213 -16.83 -16.03 -22.20
C VAL B 213 -16.49 -14.96 -21.20
N ASP B 214 -17.27 -14.90 -20.15
CA ASP B 214 -16.95 -13.98 -19.10
C ASP B 214 -15.55 -14.28 -18.64
N ILE B 215 -15.29 -15.55 -18.33
CA ILE B 215 -14.01 -15.94 -17.75
C ILE B 215 -12.83 -15.39 -18.54
N PHE B 216 -12.95 -15.40 -19.85
CA PHE B 216 -11.96 -14.80 -20.72
C PHE B 216 -11.88 -13.30 -20.47
N SER B 217 -13.02 -12.62 -20.56
CA SER B 217 -13.03 -11.18 -20.33
C SER B 217 -12.40 -10.86 -18.97
N ALA B 218 -12.57 -11.81 -18.05
CA ALA B 218 -12.13 -11.65 -16.68
C ALA B 218 -10.62 -11.66 -16.75
N GLY B 219 -10.04 -12.73 -17.29
CA GLY B 219 -8.61 -12.80 -17.46
C GLY B 219 -8.12 -11.46 -17.97
N CYS B 220 -8.75 -10.97 -19.03
CA CYS B 220 -8.30 -9.71 -19.63
C CYS B 220 -8.24 -8.63 -18.58
N VAL B 221 -9.26 -8.55 -17.75
CA VAL B 221 -9.27 -7.49 -16.77
C VAL B 221 -8.19 -7.69 -15.74
N PHE B 222 -7.94 -8.93 -15.32
CA PHE B 222 -6.93 -9.26 -14.30
C PHE B 222 -5.62 -8.72 -14.74
N TYR B 223 -5.22 -9.03 -15.95
CA TYR B 223 -3.94 -8.50 -16.47
C TYR B 223 -4.00 -6.95 -16.56
N TYR B 224 -5.11 -6.41 -17.04
CA TYR B 224 -5.26 -4.97 -17.17
C TYR B 224 -4.98 -4.28 -15.84
N VAL B 225 -5.44 -4.90 -14.76
CA VAL B 225 -5.41 -4.29 -13.45
C VAL B 225 -4.03 -4.43 -12.84
N ILE B 226 -3.44 -5.62 -12.96
CA ILE B 226 -2.13 -5.90 -12.36
C ILE B 226 -1.03 -5.12 -13.05
N SER B 227 -1.11 -5.05 -14.37
CA SER B 227 -0.14 -4.33 -15.18
C SER B 227 -0.31 -2.81 -15.07
N GLU B 228 -1.29 -2.39 -14.31
CA GLU B 228 -1.56 -0.98 -14.12
C GLU B 228 -1.87 -0.30 -15.45
N GLY B 229 -2.68 -0.90 -16.32
CA GLY B 229 -3.13 -0.22 -17.53
C GLY B 229 -3.08 -0.99 -18.84
N TYR B 230 -2.14 -1.94 -18.91
CA TYR B 230 -1.81 -2.64 -20.14
C TYR B 230 -2.82 -3.72 -20.45
N HIS B 231 -3.12 -3.91 -21.73
CA HIS B 231 -4.06 -4.93 -22.13
C HIS B 231 -3.22 -6.06 -22.70
N PRO B 232 -3.63 -7.31 -22.47
CA PRO B 232 -2.87 -8.49 -22.90
C PRO B 232 -2.76 -8.65 -24.42
N PHE B 233 -3.51 -7.86 -25.19
CA PHE B 233 -3.77 -8.17 -26.58
C PHE B 233 -3.38 -7.19 -27.70
N GLY B 234 -2.96 -5.96 -27.45
CA GLY B 234 -2.98 -5.29 -26.17
C GLY B 234 -3.05 -3.78 -26.41
N LYS B 235 -3.54 -3.41 -27.58
CA LYS B 235 -3.89 -2.03 -27.87
C LYS B 235 -5.19 -1.98 -28.67
N SER B 236 -5.93 -0.88 -28.52
CA SER B 236 -7.30 -0.78 -28.97
C SER B 236 -7.58 -1.39 -30.35
N LEU B 237 -6.69 -1.14 -31.31
CA LEU B 237 -6.99 -1.52 -32.69
C LEU B 237 -6.66 -2.97 -32.98
N GLN B 238 -5.45 -3.38 -32.62
CA GLN B 238 -5.04 -4.74 -32.85
C GLN B 238 -5.67 -5.68 -31.82
N ARG B 239 -6.39 -5.13 -30.85
CA ARG B 239 -6.90 -5.96 -29.77
C ARG B 239 -7.74 -7.13 -30.27
N GLN B 240 -8.88 -6.85 -30.89
CA GLN B 240 -9.78 -7.94 -31.20
C GLN B 240 -9.09 -8.87 -32.19
N ALA B 241 -8.47 -8.27 -33.19
CA ALA B 241 -7.74 -9.05 -34.18
C ALA B 241 -6.84 -10.08 -33.51
N ASN B 242 -5.84 -9.56 -32.80
CA ASN B 242 -4.95 -10.37 -31.97
C ASN B 242 -5.66 -11.39 -31.07
N ILE B 243 -6.85 -11.08 -30.60
CA ILE B 243 -7.58 -12.04 -29.78
C ILE B 243 -7.92 -13.24 -30.65
N LEU B 244 -8.32 -12.97 -31.88
CA LEU B 244 -8.65 -14.06 -32.78
C LEU B 244 -7.39 -14.80 -33.14
N LEU B 245 -6.28 -14.06 -33.19
CA LEU B 245 -5.00 -14.62 -33.60
C LEU B 245 -4.38 -15.37 -32.45
N GLY B 246 -4.56 -14.86 -31.25
CA GLY B 246 -4.03 -15.50 -30.07
C GLY B 246 -2.83 -14.80 -29.49
N ALA B 247 -2.50 -13.63 -30.03
CA ALA B 247 -1.33 -12.88 -29.57
C ALA B 247 -1.49 -12.33 -28.15
N CYS B 248 -0.58 -12.69 -27.23
CA CYS B 248 -0.63 -12.18 -25.86
C CYS B 248 0.51 -11.22 -25.63
N ASN B 249 0.75 -10.85 -24.39
CA ASN B 249 2.00 -10.21 -24.09
C ASN B 249 2.49 -10.71 -22.77
N LEU B 250 1.77 -10.32 -21.73
CA LEU B 250 2.12 -10.66 -20.36
C LEU B 250 3.55 -10.15 -20.09
N ASP B 251 3.98 -9.15 -20.86
CA ASP B 251 5.34 -8.63 -20.80
C ASP B 251 5.76 -8.15 -19.43
N CYS B 252 4.78 -7.95 -18.54
CA CYS B 252 5.10 -7.40 -17.23
C CYS B 252 5.47 -8.46 -16.21
N PHE B 253 5.12 -9.70 -16.51
CA PHE B 253 5.43 -10.82 -15.65
C PHE B 253 6.83 -11.37 -15.92
N HIS B 254 7.78 -10.95 -15.09
CA HIS B 254 9.09 -11.56 -15.09
C HIS B 254 8.87 -12.98 -14.67
N SER B 255 9.95 -13.78 -14.72
CA SER B 255 9.87 -15.18 -14.29
C SER B 255 10.68 -15.36 -13.01
N ASP B 256 11.39 -14.31 -12.61
CA ASP B 256 12.25 -14.37 -11.43
C ASP B 256 11.50 -13.91 -10.17
N LYS B 257 10.25 -13.49 -10.33
CA LYS B 257 9.39 -13.10 -9.21
C LYS B 257 8.27 -14.09 -8.86
N HIS B 258 8.27 -14.57 -7.62
CA HIS B 258 7.28 -15.53 -7.18
C HIS B 258 5.88 -15.14 -7.62
N GLU B 259 5.56 -13.86 -7.46
CA GLU B 259 4.19 -13.41 -7.65
C GLU B 259 3.81 -13.31 -9.13
N ASP B 260 4.71 -12.81 -9.96
CA ASP B 260 4.42 -12.78 -11.36
C ASP B 260 4.18 -14.19 -11.85
N VAL B 261 5.01 -15.12 -11.42
CA VAL B 261 4.89 -16.49 -11.90
C VAL B 261 3.50 -17.05 -11.56
N ILE B 262 3.08 -16.75 -10.34
CA ILE B 262 1.75 -17.12 -9.84
C ILE B 262 0.57 -16.56 -10.67
N ALA B 263 0.62 -15.28 -10.96
CA ALA B 263 -0.45 -14.62 -11.68
C ALA B 263 -0.47 -15.19 -13.08
N ARG B 264 0.62 -14.96 -13.79
CA ARG B 264 0.78 -15.41 -15.17
C ARG B 264 0.22 -16.80 -15.37
N GLU B 265 0.53 -17.68 -14.42
CA GLU B 265 0.14 -19.08 -14.56
C GLU B 265 -1.38 -19.28 -14.62
N LEU B 266 -2.11 -18.32 -14.09
CA LEU B 266 -3.58 -18.38 -14.03
C LEU B 266 -4.22 -17.55 -15.12
N ILE B 267 -3.79 -16.29 -15.21
CA ILE B 267 -4.20 -15.39 -16.26
C ILE B 267 -4.15 -16.07 -17.63
N GLU B 268 -2.97 -16.58 -17.98
CA GLU B 268 -2.80 -17.26 -19.26
C GLU B 268 -3.85 -18.35 -19.45
N LYS B 269 -4.47 -18.80 -18.37
CA LYS B 269 -5.39 -19.90 -18.49
C LYS B 269 -6.82 -19.42 -18.59
N MET B 270 -7.11 -18.30 -17.93
CA MET B 270 -8.42 -17.63 -18.06
C MET B 270 -8.63 -17.31 -19.53
N ILE B 271 -7.64 -16.66 -20.12
CA ILE B 271 -7.81 -16.04 -21.43
C ILE B 271 -7.50 -17.01 -22.57
N ALA B 272 -7.42 -18.29 -22.25
CA ALA B 272 -6.94 -19.29 -23.22
C ALA B 272 -7.82 -19.37 -24.46
N MET B 273 -7.24 -19.62 -25.62
CA MET B 273 -8.03 -19.70 -26.84
C MET B 273 -9.14 -20.75 -26.72
N ASP B 274 -8.79 -21.92 -26.19
CA ASP B 274 -9.73 -23.04 -26.11
C ASP B 274 -10.74 -22.83 -24.98
N PRO B 275 -12.04 -22.84 -25.31
CA PRO B 275 -13.10 -22.59 -24.32
C PRO B 275 -13.17 -23.63 -23.21
N GLN B 276 -12.71 -24.84 -23.52
CA GLN B 276 -12.78 -25.95 -22.59
C GLN B 276 -11.62 -25.88 -21.59
N GLN B 277 -10.65 -25.00 -21.86
CA GLN B 277 -9.45 -24.85 -21.03
C GLN B 277 -9.63 -23.84 -19.91
N ARG B 278 -10.54 -22.89 -20.13
CA ARG B 278 -10.77 -21.79 -19.20
C ARG B 278 -11.48 -22.29 -17.94
N PRO B 279 -10.91 -21.98 -16.78
CA PRO B 279 -11.34 -22.49 -15.47
C PRO B 279 -12.72 -22.02 -15.05
N SER B 280 -13.36 -22.80 -14.19
CA SER B 280 -14.64 -22.41 -13.62
C SER B 280 -14.51 -21.12 -12.78
N ALA B 281 -15.61 -20.40 -12.63
CA ALA B 281 -15.62 -19.09 -11.99
C ALA B 281 -15.07 -19.13 -10.59
N LYS B 282 -15.65 -19.99 -9.78
CA LYS B 282 -15.21 -20.12 -8.41
C LYS B 282 -14.01 -21.03 -8.38
N HIS B 283 -13.80 -21.76 -9.44
CA HIS B 283 -12.57 -22.51 -9.56
C HIS B 283 -11.41 -21.52 -9.47
N VAL B 284 -11.57 -20.36 -10.09
CA VAL B 284 -10.51 -19.34 -10.11
C VAL B 284 -10.32 -18.66 -8.76
N LEU B 285 -11.32 -18.81 -7.88
CA LEU B 285 -11.28 -18.24 -6.54
C LEU B 285 -10.44 -19.07 -5.57
N LYS B 286 -10.17 -20.32 -5.93
CA LYS B 286 -9.41 -21.19 -5.05
C LYS B 286 -7.92 -21.14 -5.38
N HIS B 287 -7.58 -20.44 -6.45
CA HIS B 287 -6.21 -20.42 -6.97
C HIS B 287 -5.27 -19.64 -6.04
N PRO B 288 -4.00 -20.04 -5.99
CA PRO B 288 -2.92 -19.46 -5.16
C PRO B 288 -2.79 -17.96 -5.28
N PHE B 289 -3.43 -17.40 -6.29
CA PHE B 289 -3.19 -16.02 -6.65
C PHE B 289 -3.75 -15.20 -5.50
N PHE B 290 -4.77 -15.75 -4.85
CA PHE B 290 -5.54 -15.02 -3.84
C PHE B 290 -5.12 -15.39 -2.45
N TRP B 291 -4.06 -16.17 -2.32
CA TRP B 291 -3.76 -16.72 -1.02
C TRP B 291 -3.04 -15.72 -0.13
N SER B 292 -3.42 -15.68 1.14
CA SER B 292 -2.68 -14.90 2.12
C SER B 292 -1.26 -15.45 2.24
N LEU B 293 -0.34 -14.67 2.79
CA LEU B 293 0.99 -15.23 3.03
C LEU B 293 0.78 -16.47 3.85
N GLU B 294 -0.07 -16.36 4.88
CA GLU B 294 -0.28 -17.42 5.84
C GLU B 294 -0.83 -18.69 5.18
N LYS B 295 -1.69 -18.53 4.21
CA LYS B 295 -2.29 -19.66 3.52
C LYS B 295 -1.22 -20.38 2.67
N GLN B 296 -0.39 -19.59 2.01
CA GLN B 296 0.73 -20.11 1.24
C GLN B 296 1.61 -20.99 2.12
N LEU B 297 2.04 -20.44 3.26
CA LEU B 297 2.90 -21.13 4.22
C LEU B 297 2.22 -22.38 4.73
N GLN B 298 0.94 -22.26 5.02
CA GLN B 298 0.21 -23.37 5.63
C GLN B 298 0.15 -24.59 4.72
N PHE B 299 0.08 -24.31 3.42
CA PHE B 299 0.22 -25.30 2.36
C PHE B 299 1.60 -25.92 2.33
N PHE B 300 2.60 -25.09 2.09
CA PHE B 300 3.98 -25.55 2.12
C PHE B 300 4.15 -26.62 3.21
N GLN B 301 3.73 -26.27 4.43
CA GLN B 301 3.88 -27.16 5.57
C GLN B 301 2.95 -28.36 5.45
N ASP B 302 1.73 -28.06 5.03
CA ASP B 302 0.68 -29.08 4.99
C ASP B 302 1.10 -30.18 4.00
N VAL B 303 2.05 -29.86 3.13
CA VAL B 303 2.59 -30.82 2.18
C VAL B 303 3.66 -31.69 2.85
N SER B 304 4.71 -31.06 3.35
CA SER B 304 5.82 -31.78 3.96
C SER B 304 5.27 -32.86 4.88
N ASP B 305 4.26 -32.50 5.64
CA ASP B 305 3.63 -33.43 6.58
C ASP B 305 2.92 -34.59 5.89
N ARG B 306 2.65 -34.42 4.59
CA ARG B 306 2.05 -35.47 3.76
C ARG B 306 3.13 -36.37 3.17
N ILE B 307 4.06 -35.77 2.43
CA ILE B 307 5.16 -36.49 1.77
C ILE B 307 5.96 -37.41 2.71
N GLU B 308 6.20 -36.92 3.93
CA GLU B 308 7.05 -37.64 4.88
C GLU B 308 6.40 -38.99 5.18
N LYS B 309 7.22 -39.94 5.64
CA LYS B 309 6.74 -41.28 5.94
C LYS B 309 6.02 -41.85 4.73
N GLU B 310 6.62 -41.65 3.56
CA GLU B 310 6.26 -42.43 2.38
C GLU B 310 7.51 -42.65 1.54
N ALA B 311 7.57 -43.77 0.83
CA ALA B 311 8.75 -44.09 0.04
C ALA B 311 8.96 -43.10 -1.12
N LEU B 312 10.13 -43.18 -1.77
CA LEU B 312 10.50 -42.32 -2.90
C LEU B 312 10.10 -42.96 -4.24
N ASP B 313 9.92 -44.28 -4.20
CA ASP B 313 9.37 -45.03 -5.33
C ASP B 313 7.95 -44.53 -5.57
N GLY B 314 7.33 -44.09 -4.48
CA GLY B 314 5.99 -43.54 -4.48
C GLY B 314 5.87 -42.46 -5.52
N PRO B 315 4.73 -42.44 -6.22
CA PRO B 315 4.60 -41.56 -7.38
C PRO B 315 4.83 -40.12 -6.97
N ILE B 316 4.26 -39.80 -5.82
CA ILE B 316 4.21 -38.44 -5.30
C ILE B 316 5.58 -37.73 -5.28
N VAL B 317 6.58 -38.33 -4.63
CA VAL B 317 7.88 -37.70 -4.47
C VAL B 317 8.59 -37.57 -5.82
N ARG B 318 8.63 -38.66 -6.56
CA ARG B 318 9.27 -38.68 -7.87
C ARG B 318 8.65 -37.55 -8.70
N GLN B 319 7.36 -37.32 -8.51
CA GLN B 319 6.68 -36.32 -9.31
C GLN B 319 7.10 -34.93 -8.88
N LEU B 320 7.26 -34.76 -7.58
CA LEU B 320 7.55 -33.46 -6.99
C LEU B 320 8.89 -32.91 -7.42
N GLU B 321 9.80 -33.82 -7.75
CA GLU B 321 11.16 -33.49 -8.16
C GLU B 321 11.29 -33.51 -9.67
N ARG B 322 10.17 -33.58 -10.36
CA ARG B 322 10.15 -33.59 -11.80
C ARG B 322 10.97 -32.40 -12.34
N GLY B 323 10.51 -31.19 -12.07
CA GLY B 323 11.21 -29.98 -12.50
C GLY B 323 12.48 -29.74 -11.67
N GLY B 324 12.46 -30.31 -10.48
CA GLY B 324 13.61 -30.41 -9.61
C GLY B 324 14.63 -29.30 -9.68
N ARG B 325 15.82 -29.65 -10.17
CA ARG B 325 17.01 -28.88 -9.91
C ARG B 325 16.88 -27.39 -10.22
N ALA B 326 16.19 -27.05 -11.31
CA ALA B 326 16.16 -25.68 -11.80
C ALA B 326 15.56 -24.74 -10.78
N VAL B 327 14.44 -25.13 -10.19
CA VAL B 327 13.74 -24.30 -9.22
C VAL B 327 14.50 -24.13 -7.91
N VAL B 328 15.08 -25.21 -7.43
CA VAL B 328 15.92 -25.12 -6.24
C VAL B 328 17.24 -24.43 -6.62
N LYS B 329 17.44 -24.22 -7.91
CA LYS B 329 18.68 -23.61 -8.42
C LYS B 329 19.89 -24.52 -8.22
N MET B 330 19.78 -25.74 -8.75
CA MET B 330 20.83 -26.75 -8.65
C MET B 330 20.93 -27.23 -7.21
N ASP B 331 21.37 -26.35 -6.33
CA ASP B 331 21.42 -26.64 -4.90
C ASP B 331 21.01 -25.38 -4.13
N TRP B 332 19.89 -25.49 -3.44
CA TRP B 332 19.31 -24.35 -2.78
C TRP B 332 20.12 -23.96 -1.59
N ARG B 333 20.86 -24.91 -1.05
CA ARG B 333 21.71 -24.61 0.07
C ARG B 333 22.60 -23.41 -0.25
N GLU B 334 22.92 -23.22 -1.53
CA GLU B 334 23.84 -22.14 -1.94
C GLU B 334 23.10 -20.84 -2.26
N ASN B 335 21.77 -20.89 -2.23
CA ASN B 335 20.94 -19.73 -2.55
C ASN B 335 20.10 -19.26 -1.37
N ILE B 336 20.48 -19.66 -0.17
CA ILE B 336 19.82 -19.14 1.03
C ILE B 336 20.81 -18.39 1.92
N THR B 337 20.30 -17.86 3.03
CA THR B 337 21.07 -16.99 3.90
C THR B 337 22.11 -17.78 4.71
N VAL B 338 23.15 -17.12 5.20
CA VAL B 338 24.29 -17.85 5.79
C VAL B 338 24.02 -18.54 7.14
N PRO B 339 23.48 -17.82 8.12
CA PRO B 339 23.12 -18.47 9.39
C PRO B 339 22.30 -19.73 9.15
N LEU B 340 21.32 -19.62 8.26
CA LEU B 340 20.33 -20.66 8.06
C LEU B 340 20.95 -21.95 7.55
N GLN B 341 21.94 -21.86 6.67
CA GLN B 341 22.62 -23.06 6.21
C GLN B 341 23.52 -23.60 7.31
N THR B 342 24.18 -22.69 8.00
CA THR B 342 25.03 -23.04 9.12
C THR B 342 24.24 -23.83 10.14
N ASP B 343 22.97 -23.49 10.28
CA ASP B 343 22.16 -24.11 11.31
C ASP B 343 21.56 -25.38 10.73
N LEU B 344 21.31 -25.35 9.43
CA LEU B 344 20.67 -26.50 8.81
C LEU B 344 21.75 -27.50 8.49
N ARG B 345 23.00 -27.12 8.71
CA ARG B 345 24.09 -28.06 8.55
C ARG B 345 24.00 -29.05 9.68
N LYS B 346 23.72 -28.53 10.87
CA LYS B 346 23.74 -29.33 12.10
C LYS B 346 22.83 -30.56 12.11
N PHE B 347 21.98 -30.71 11.09
CA PHE B 347 21.02 -31.79 11.10
C PHE B 347 21.19 -32.63 9.85
N ARG B 348 21.12 -31.97 8.69
CA ARG B 348 21.03 -32.61 7.37
C ARG B 348 21.99 -33.78 7.25
N THR B 349 21.57 -34.89 6.63
CA THR B 349 20.20 -35.22 6.19
C THR B 349 19.37 -34.23 5.35
N TYR B 350 20.00 -33.34 4.60
CA TYR B 350 19.24 -32.46 3.71
C TYR B 350 20.00 -32.29 2.43
N LYS B 351 19.30 -32.46 1.31
CA LYS B 351 19.99 -32.57 0.04
C LYS B 351 20.33 -31.20 -0.55
N GLY B 352 19.37 -30.51 -1.15
CA GLY B 352 19.68 -29.28 -1.85
C GLY B 352 19.37 -29.42 -3.32
N GLY B 353 19.32 -30.65 -3.79
CA GLY B 353 18.78 -30.93 -5.09
C GLY B 353 17.43 -31.57 -4.92
N SER B 354 16.92 -31.51 -3.71
CA SER B 354 15.64 -32.13 -3.43
C SER B 354 14.65 -31.09 -2.98
N VAL B 355 13.57 -30.96 -3.74
CA VAL B 355 12.53 -30.05 -3.36
C VAL B 355 11.93 -30.51 -2.05
N ARG B 356 11.82 -31.83 -1.84
CA ARG B 356 11.21 -32.33 -0.60
C ARG B 356 12.04 -32.00 0.61
N ASP B 357 13.33 -31.79 0.41
CA ASP B 357 14.21 -31.48 1.51
C ASP B 357 14.22 -29.99 1.81
N LEU B 358 14.00 -29.17 0.80
CA LEU B 358 13.75 -27.76 1.06
C LEU B 358 12.38 -27.54 1.75
N LEU B 359 11.37 -28.34 1.36
CA LEU B 359 10.04 -28.27 1.97
C LEU B 359 10.05 -28.73 3.42
N ARG B 360 10.58 -29.93 3.66
CA ARG B 360 10.82 -30.40 5.03
C ARG B 360 11.57 -29.33 5.82
N ALA B 361 12.62 -28.79 5.23
CA ALA B 361 13.39 -27.78 5.90
C ALA B 361 12.47 -26.69 6.44
N MET B 362 11.64 -26.15 5.58
CA MET B 362 10.76 -25.08 6.03
C MET B 362 9.88 -25.57 7.18
N ARG B 363 9.37 -26.78 7.07
CA ARG B 363 8.48 -27.34 8.09
C ARG B 363 9.17 -27.63 9.42
N ASN B 364 10.50 -27.71 9.41
CA ASN B 364 11.22 -27.89 10.66
C ASN B 364 11.61 -26.53 11.18
N LYS B 365 12.42 -25.81 10.43
CA LYS B 365 12.85 -24.46 10.81
C LYS B 365 11.72 -23.54 11.25
N LYS B 366 10.50 -23.84 10.80
CA LYS B 366 9.31 -23.13 11.24
C LYS B 366 8.79 -23.73 12.52
N HIS B 367 8.59 -25.04 12.50
CA HIS B 367 8.03 -25.74 13.64
C HIS B 367 8.91 -25.65 14.91
N HIS B 368 10.18 -25.31 14.73
CA HIS B 368 11.10 -25.12 15.87
C HIS B 368 11.50 -23.66 16.00
N TYR B 369 10.87 -22.79 15.25
CA TYR B 369 11.23 -21.38 15.25
C TYR B 369 11.65 -20.90 16.64
N ARG B 370 11.00 -21.44 17.66
CA ARG B 370 11.21 -21.03 19.04
C ARG B 370 12.63 -21.33 19.53
N GLU B 371 13.15 -22.49 19.14
CA GLU B 371 14.43 -22.99 19.59
C GLU B 371 15.57 -22.57 18.67
N LEU B 372 15.26 -21.83 17.63
CA LEU B 372 16.31 -21.42 16.74
C LEU B 372 17.27 -20.48 17.44
N PRO B 373 18.53 -20.50 17.03
CA PRO B 373 19.48 -19.45 17.38
C PRO B 373 18.98 -18.09 16.93
N VAL B 374 19.07 -17.11 17.81
CA VAL B 374 18.57 -15.77 17.52
C VAL B 374 19.02 -15.24 16.17
N GLU B 375 20.32 -15.33 15.88
CA GLU B 375 20.86 -14.93 14.59
C GLU B 375 19.99 -15.50 13.48
N VAL B 376 19.61 -16.78 13.65
CA VAL B 376 18.82 -17.51 12.66
C VAL B 376 17.37 -17.05 12.68
N GLN B 377 16.79 -16.97 13.87
CA GLN B 377 15.44 -16.46 14.03
C GLN B 377 15.28 -15.12 13.36
N GLU B 378 16.37 -14.37 13.27
CA GLU B 378 16.30 -13.02 12.74
C GLU B 378 16.39 -12.92 11.22
N THR B 379 16.99 -13.91 10.55
CA THR B 379 17.13 -13.83 9.08
C THR B 379 15.81 -14.14 8.39
N LEU B 380 14.98 -14.94 9.07
CA LEU B 380 13.59 -15.14 8.67
C LEU B 380 12.64 -14.43 9.65
N GLY B 381 11.43 -14.93 9.80
CA GLY B 381 10.53 -14.42 10.83
C GLY B 381 9.96 -13.10 10.37
N SER B 382 8.86 -12.66 10.95
CA SER B 382 8.34 -13.28 12.16
C SER B 382 7.61 -14.57 11.86
N ILE B 383 6.69 -14.48 10.91
CA ILE B 383 5.75 -15.56 10.66
C ILE B 383 4.32 -15.03 10.69
N PRO B 384 3.48 -15.51 9.76
CA PRO B 384 3.92 -16.33 8.65
C PRO B 384 4.59 -15.49 7.60
N ASP B 385 4.28 -14.20 7.58
CA ASP B 385 4.58 -13.42 6.39
C ASP B 385 6.07 -13.40 6.08
N ASP B 386 6.88 -12.85 6.97
CA ASP B 386 8.30 -12.72 6.67
C ASP B 386 9.04 -14.06 6.40
N PHE B 387 8.56 -15.12 7.07
CA PHE B 387 9.16 -16.46 7.03
C PHE B 387 8.87 -17.16 5.69
N VAL B 388 7.70 -16.88 5.12
CA VAL B 388 7.31 -17.52 3.86
C VAL B 388 7.88 -16.76 2.67
N ARG B 389 8.08 -15.45 2.85
CA ARG B 389 8.77 -14.65 1.84
C ARG B 389 10.28 -14.85 1.81
N TYR B 390 10.86 -15.18 2.95
CA TYR B 390 12.25 -15.61 2.96
C TYR B 390 12.47 -16.59 1.79
N PHE B 391 11.63 -17.61 1.70
CA PHE B 391 11.78 -18.66 0.71
C PHE B 391 11.26 -18.30 -0.70
N THR B 392 10.05 -17.70 -0.80
CA THR B 392 9.46 -17.41 -2.12
C THR B 392 10.20 -16.26 -2.83
N SER B 393 10.91 -15.44 -2.06
CA SER B 393 11.73 -14.38 -2.63
C SER B 393 12.85 -15.00 -3.46
N ARG B 394 13.36 -16.14 -2.99
CA ARG B 394 14.51 -16.82 -3.59
C ARG B 394 14.11 -18.02 -4.42
N PHE B 395 12.89 -18.51 -4.25
CA PHE B 395 12.44 -19.65 -5.03
C PHE B 395 11.10 -19.37 -5.67
N PRO B 396 11.12 -18.56 -6.71
CA PRO B 396 9.91 -18.01 -7.32
C PRO B 396 9.00 -19.12 -7.83
N HIS B 397 9.63 -20.16 -8.37
CA HIS B 397 8.87 -21.26 -8.96
C HIS B 397 8.55 -22.31 -7.91
N LEU B 398 8.89 -22.05 -6.65
CA LEU B 398 8.73 -23.06 -5.63
C LEU B 398 7.29 -23.31 -5.35
N LEU B 399 6.56 -22.26 -5.03
CA LEU B 399 5.16 -22.45 -4.74
C LEU B 399 4.45 -22.99 -5.97
N SER B 400 4.58 -22.30 -7.10
CA SER B 400 3.89 -22.76 -8.31
C SER B 400 4.11 -24.27 -8.59
N HIS B 401 5.38 -24.63 -8.74
CA HIS B 401 5.80 -26.01 -8.94
C HIS B 401 5.09 -27.00 -8.02
N THR B 402 5.10 -26.68 -6.73
CA THR B 402 4.55 -27.60 -5.76
C THR B 402 3.04 -27.76 -5.86
N TYR B 403 2.38 -26.66 -6.18
CA TYR B 403 0.93 -26.66 -6.26
C TYR B 403 0.54 -27.63 -7.35
N GLN B 404 1.23 -27.52 -8.49
CA GLN B 404 0.94 -28.38 -9.65
C GLN B 404 1.15 -29.86 -9.29
N ALA B 405 2.38 -30.19 -8.91
CA ALA B 405 2.77 -31.57 -8.62
C ALA B 405 1.79 -32.21 -7.64
N MET B 406 1.34 -31.43 -6.65
CA MET B 406 0.59 -32.00 -5.53
C MET B 406 -0.89 -32.21 -5.84
N GLU B 407 -1.33 -31.82 -7.03
CA GLU B 407 -2.74 -31.99 -7.39
C GLU B 407 -3.12 -33.43 -7.11
N LEU B 408 -2.15 -34.33 -7.27
CA LEU B 408 -2.39 -35.75 -7.08
C LEU B 408 -3.29 -36.03 -5.90
N CYS B 409 -3.19 -35.21 -4.85
CA CYS B 409 -4.04 -35.38 -3.67
C CYS B 409 -5.20 -34.38 -3.69
N ARG B 410 -5.83 -34.22 -4.86
CA ARG B 410 -6.92 -33.27 -5.03
C ARG B 410 -8.07 -33.59 -4.08
N HIS B 411 -8.40 -34.88 -3.96
CA HIS B 411 -9.64 -35.31 -3.31
C HIS B 411 -9.53 -35.43 -1.79
N GLU B 412 -8.31 -35.38 -1.26
CA GLU B 412 -8.09 -35.68 0.14
C GLU B 412 -8.59 -34.56 1.05
N ARG B 413 -9.19 -34.99 2.15
CA ARG B 413 -9.81 -34.13 3.13
C ARG B 413 -9.00 -32.88 3.44
N LEU B 414 -7.68 -33.03 3.42
CA LEU B 414 -6.79 -32.00 3.92
C LEU B 414 -6.48 -30.94 2.87
N PHE B 415 -6.68 -31.30 1.62
CA PHE B 415 -6.27 -30.44 0.53
C PHE B 415 -7.45 -29.75 -0.18
N GLN B 416 -8.66 -29.92 0.32
CA GLN B 416 -9.80 -29.30 -0.33
C GLN B 416 -9.73 -27.79 -0.18
N THR B 417 -9.05 -27.32 0.86
CA THR B 417 -8.96 -25.88 1.11
C THR B 417 -8.02 -25.23 0.11
N TYR B 418 -7.31 -26.06 -0.64
CA TYR B 418 -6.34 -25.59 -1.61
C TYR B 418 -6.78 -25.84 -3.03
N TYR B 419 -7.57 -26.89 -3.24
CA TYR B 419 -7.92 -27.34 -4.59
C TYR B 419 -9.42 -27.33 -4.89
N TRP B 420 -9.78 -27.65 -6.13
CA TRP B 420 -11.17 -27.61 -6.57
C TRP B 420 -11.65 -28.94 -7.18
N HIS B 421 -12.94 -29.27 -6.99
CA HIS B 421 -13.59 -30.43 -7.61
C HIS B 421 -14.80 -30.08 -8.47
#